data_7PFX
#
_entry.id   7PFX
#
_cell.length_a   1.00
_cell.length_b   1.00
_cell.length_c   1.00
_cell.angle_alpha   90.00
_cell.angle_beta   90.00
_cell.angle_gamma   90.00
#
_symmetry.space_group_name_H-M   'P 1'
#
loop_
_entity.id
_entity.type
_entity.pdbx_description
1 polymer 'Histone H3.2'
2 polymer 'Histone H4'
3 polymer 'Histone H2A type 1-B/E'
4 polymer 'Histone H2B type 1-K'
5 polymer 'DNA (177-MER)'
6 polymer 'DNA (177-MER)'
7 polymer 'Histone H1.4'
#
loop_
_entity_poly.entity_id
_entity_poly.type
_entity_poly.pdbx_seq_one_letter_code
_entity_poly.pdbx_strand_id
1 'polypeptide(L)'
;MARTKQTARKSTGGKAPRKQLATKAARKSAPATGGVKKPHRYRPGTVALREIRRYQKSTELLIRKLPFQRLVREIAQDFK
TDLRFQSSAVMALQEASEAYLVGLFEDTNLAAIHAKRVTIMPKDIQLARRIRGERA
;
K,O
2 'polypeptide(L)'
;MSGRGKGGKGLGKGGAKRHRKVLRDNIQGITKPAIRRLARRGGVKRISGLIYEETRGVLKVFLENVIRDAVTYTEHAKRK
TVTAMDVVYALKRQGRTLYGFGG
;
L,P
3 'polypeptide(L)'
;HHHHHHENLYFQSNAPWMSGRGKQGGKARAKAKTRSSRAGLQFPVGRVHRLLRKGNYSERVGAGAPVYLAAVLEYLTAEI
LELAGNAARDNKKTRIIPRHLQLAIRNDEELNKLLGRVTIAQGGVLPNIQAVLLPKKTESHHKAKGK
;
M,Q
4 'polypeptide(L)'
;MPEPAKSAPAPKKGSKKAVTKAQKKDGKKRKRSRKESYSVYVYKVLKQVHPDTGISSKAMGIMNSFVNDIFERIAGEASR
LAHYNKRSTITSREIQTAVRLLLPGELAKHAVSEGTKAVTKYTSAK
;
N,R
5 'polydeoxyribonucleotide'
;(DG)(DG)(DC)(DC)(DG)(DC)(DC)(DA)(DC)(DT)(DG)(DG)(DC)(DC)(DA)(DC)(DT)(DG)(DG)(DA)
(DG)(DA)(DA)(DT)(DC)(DC)(DC)(DG)(DG)(DT)(DG)(DC)(DC)(DG)(DA)(DG)(DG)(DC)(DC)(DG)
(DC)(DT)(DC)(DA)(DA)(DT)(DT)(DG)(DG)(DT)(DC)(DG)(DT)(DA)(DG)(DA)(DC)(DA)(DG)(DC)
(DT)(DC)(DT)(DA)(DG)(DC)(DA)(DC)(DC)(DG)(DC)(DT)(DT)(DA)(DA)(DA)(DC)(DG)(DC)(DA)
(DC)(DG)(DT)(DA)(DC)(DG)(DC)(DG)(DC)(DT)(DG)(DT)(DC)(DC)(DC)(DC)(DC)(DG)(DC)(DG)
(DT)(DT)(DT)(DT)(DA)(DA)(DC)(DC)(DG)(DC)(DC)(DA)(DA)(DG)(DG)(DG)(DG)(DA)(DT)(DT)
(DA)(DC)(DT)(DC)(DC)(DC)(DT)(DA)(DG)(DT)(DC)(DT)(DC)(DC)(DA)(DG)(DG)(DC)(DA)(DC)
(DG)(DT)(DG)(DT)(DC)(DA)(DC)(DA)(DT)(DA)(DT)(DA)(DT)(DA)(DC)(DA)(DT)(DC)(DC)(DT)
(DG)(DT)(DG)(DC)(DA)(DT)(DG)(DT)(DA)(DA)(DG)(DT)(DG)(DC)(DA)(DT)(DG)
;
I
6 'polydeoxyribonucleotide'
;(DC)(DA)(DT)(DG)(DC)(DA)(DC)(DT)(DT)(DA)(DC)(DA)(DT)(DG)(DC)(DA)(DC)(DA)(DG)(DG)
(DA)(DT)(DG)(DT)(DA)(DT)(DA)(DT)(DA)(DT)(DG)(DT)(DG)(DA)(DC)(DA)(DC)(DG)(DT)(DG)
(DC)(DC)(DT)(DG)(DG)(DA)(DG)(DA)(DC)(DT)(DA)(DG)(DG)(DG)(DA)(DG)(DT)(DA)(DA)(DT)
(DC)(DC)(DC)(DC)(DT)(DT)(DG)(DG)(DC)(DG)(DG)(DT)(DT)(DA)(DA)(DA)(DA)(DC)(DG)(DC)
(DG)(DG)(DG)(DG)(DG)(DA)(DC)(DA)(DG)(DC)(DG)(DC)(DG)(DT)(DA)(DC)(DG)(DT)(DG)(DC)
(DG)(DT)(DT)(DT)(DA)(DA)(DG)(DC)(DG)(DG)(DT)(DG)(DC)(DT)(DA)(DG)(DA)(DG)(DC)(DT)
(DG)(DT)(DC)(DT)(DA)(DC)(DG)(DA)(DC)(DC)(DA)(DA)(DT)(DT)(DG)(DA)(DG)(DC)(DG)(DG)
(DC)(DC)(DT)(DC)(DG)(DG)(DC)(DA)(DC)(DC)(DG)(DG)(DG)(DA)(DT)(DT)(DC)(DT)(DC)(DC)
(DA)(DG)(DT)(DG)(DG)(DC)(DC)(DA)(DG)(DT)(DG)(DG)(DC)(DG)(DG)(DC)(DC)
;
J
7 'polypeptide(L)'
;SETAPAAPAAPAPAEKTPVKKKARKSAGAAKRKASGPPVSELITKAVAASKERSGVSLAALKKALAAAGYDVEKNNSRIK
LGLKSLVSKGTLVQTKGTGASGSFKLNKKAASGEAKPKAKKAGAAKAKKPAGAAKKPKKATGAATPKKSAKKTPKKAKKP
AAAAGAKKAKSPKKAKAAKPKKAPKSPAKAKAVKPKAAKPKTAKPKAAKPKKAAAKKK
;
S
#
loop_
_chem_comp.id
_chem_comp.type
_chem_comp.name
_chem_comp.formula
DA DNA linking 2'-DEOXYADENOSINE-5'-MONOPHOSPHATE 'C10 H14 N5 O6 P'
DC DNA linking 2'-DEOXYCYTIDINE-5'-MONOPHOSPHATE 'C9 H14 N3 O7 P'
DG DNA linking 2'-DEOXYGUANOSINE-5'-MONOPHOSPHATE 'C10 H14 N5 O7 P'
DT DNA linking THYMIDINE-5'-MONOPHOSPHATE 'C10 H15 N2 O8 P'
#
# COMPACT_ATOMS: atom_id res chain seq x y z
N LYS A 38 -23.53 -46.17 16.59
CA LYS A 38 -23.60 -44.71 16.69
C LYS A 38 -23.60 -44.07 15.31
N PRO A 39 -24.23 -42.90 15.19
CA PRO A 39 -24.12 -42.15 13.94
C PRO A 39 -22.71 -41.61 13.76
N HIS A 40 -22.34 -41.43 12.50
CA HIS A 40 -21.04 -40.86 12.18
C HIS A 40 -20.98 -39.39 12.58
N ARG A 41 -19.81 -38.98 13.07
CA ARG A 41 -19.58 -37.56 13.35
C ARG A 41 -18.09 -37.28 13.21
N TYR A 42 -17.75 -36.33 12.36
CA TYR A 42 -16.36 -35.91 12.24
C TYR A 42 -15.98 -35.01 13.41
N ARG A 43 -14.70 -35.07 13.77
CA ARG A 43 -14.15 -34.21 14.80
C ARG A 43 -13.95 -32.80 14.25
N PRO A 44 -13.98 -31.78 15.12
CA PRO A 44 -13.85 -30.39 14.63
C PRO A 44 -12.52 -30.13 13.95
N GLY A 45 -12.56 -29.31 12.90
CA GLY A 45 -11.40 -28.96 12.13
C GLY A 45 -11.16 -29.85 10.94
N THR A 46 -11.57 -31.12 11.01
CA THR A 46 -11.38 -32.03 9.89
C THR A 46 -12.19 -31.58 8.68
N VAL A 47 -13.48 -31.35 8.88
CA VAL A 47 -14.33 -30.79 7.83
C VAL A 47 -13.87 -29.39 7.48
N ALA A 48 -13.41 -28.63 8.47
CA ALA A 48 -12.90 -27.29 8.20
C ALA A 48 -11.69 -27.33 7.29
N LEU A 49 -10.75 -28.25 7.55
CA LEU A 49 -9.61 -28.40 6.67
C LEU A 49 -10.02 -28.88 5.30
N ARG A 50 -11.02 -29.77 5.25
CA ARG A 50 -11.51 -30.27 3.96
C ARG A 50 -12.10 -29.15 3.12
N GLU A 51 -12.90 -28.28 3.73
CA GLU A 51 -13.48 -27.19 2.96
C GLU A 51 -12.45 -26.13 2.65
N ILE A 52 -11.42 -26.00 3.49
CA ILE A 52 -10.28 -25.13 3.14
C ILE A 52 -9.63 -25.62 1.86
N ARG A 53 -9.38 -26.93 1.78
CA ARG A 53 -8.79 -27.50 0.57
C ARG A 53 -9.72 -27.34 -0.62
N ARG A 54 -11.02 -27.51 -0.39
CA ARG A 54 -12.00 -27.37 -1.46
C ARG A 54 -12.03 -25.96 -2.01
N TYR A 55 -12.18 -24.97 -1.14
CA TYR A 55 -12.30 -23.60 -1.59
C TYR A 55 -11.00 -23.01 -2.08
N GLN A 56 -9.86 -23.51 -1.60
CA GLN A 56 -8.61 -23.18 -2.25
C GLN A 56 -8.51 -23.81 -3.63
N LYS A 57 -9.04 -25.02 -3.79
CA LYS A 57 -9.08 -25.63 -5.12
C LYS A 57 -10.09 -24.93 -6.02
N SER A 58 -11.22 -24.50 -5.45
CA SER A 58 -12.29 -23.94 -6.26
C SER A 58 -11.95 -22.52 -6.71
N THR A 59 -12.69 -22.05 -7.72
CA THR A 59 -12.48 -20.74 -8.29
C THR A 59 -13.71 -19.85 -8.26
N GLU A 60 -14.88 -20.40 -7.94
CA GLU A 60 -16.14 -19.68 -8.11
C GLU A 60 -16.32 -18.64 -7.01
N LEU A 61 -17.27 -17.74 -7.26
CA LEU A 61 -17.68 -16.77 -6.25
C LEU A 61 -18.41 -17.46 -5.11
N LEU A 62 -18.21 -16.96 -3.90
CA LEU A 62 -18.70 -17.63 -2.71
C LEU A 62 -19.97 -17.02 -2.14
N ILE A 63 -20.34 -15.84 -2.57
CA ILE A 63 -21.54 -15.18 -2.07
C ILE A 63 -22.61 -15.19 -3.16
N ARG A 64 -23.87 -15.10 -2.74
CA ARG A 64 -24.98 -15.18 -3.68
C ARG A 64 -25.03 -13.92 -4.55
N LYS A 65 -25.43 -14.09 -5.81
CA LYS A 65 -25.37 -12.99 -6.76
C LYS A 65 -26.44 -11.93 -6.46
N LEU A 66 -27.67 -12.37 -6.26
CA LEU A 66 -28.79 -11.42 -6.16
C LEU A 66 -28.73 -10.51 -4.93
N PRO A 67 -28.52 -11.00 -3.69
CA PRO A 67 -28.42 -10.04 -2.58
C PRO A 67 -27.19 -9.15 -2.67
N PHE A 68 -26.11 -9.63 -3.27
CA PHE A 68 -24.96 -8.76 -3.50
C PHE A 68 -25.30 -7.62 -4.44
N GLN A 69 -25.96 -7.93 -5.56
CA GLN A 69 -26.38 -6.87 -6.49
C GLN A 69 -27.37 -5.92 -5.82
N ARG A 70 -28.24 -6.47 -4.99
CA ARG A 70 -29.22 -5.65 -4.28
C ARG A 70 -28.53 -4.69 -3.32
N LEU A 71 -27.53 -5.18 -2.58
CA LEU A 71 -26.79 -4.32 -1.67
C LEU A 71 -25.97 -3.27 -2.42
N VAL A 72 -25.41 -3.63 -3.57
CA VAL A 72 -24.64 -2.67 -4.36
C VAL A 72 -25.55 -1.55 -4.84
N ARG A 73 -26.74 -1.90 -5.34
CA ARG A 73 -27.70 -0.89 -5.74
C ARG A 73 -28.15 -0.04 -4.55
N GLU A 74 -28.32 -0.68 -3.40
CA GLU A 74 -28.75 0.00 -2.18
C GLU A 74 -27.74 1.06 -1.76
N ILE A 75 -26.46 0.71 -1.76
CA ILE A 75 -25.47 1.65 -1.24
C ILE A 75 -25.13 2.70 -2.30
N ALA A 76 -25.20 2.32 -3.59
CA ALA A 76 -24.97 3.29 -4.64
C ALA A 76 -26.09 4.29 -4.75
N GLN A 77 -27.30 3.92 -4.32
CA GLN A 77 -28.41 4.86 -4.28
C GLN A 77 -28.14 6.00 -3.31
N ASP A 78 -27.31 5.75 -2.30
CA ASP A 78 -27.04 6.74 -1.27
C ASP A 78 -26.29 7.96 -1.80
N PHE A 79 -25.55 7.81 -2.91
CA PHE A 79 -24.80 8.91 -3.45
C PHE A 79 -25.55 9.69 -4.52
N LYS A 80 -26.18 8.98 -5.45
CA LYS A 80 -26.93 9.64 -6.52
C LYS A 80 -28.01 8.66 -6.95
N THR A 81 -29.16 9.20 -7.36
CA THR A 81 -30.35 8.39 -7.50
C THR A 81 -30.49 7.82 -8.92
N ASP A 82 -31.29 6.77 -9.02
CA ASP A 82 -31.67 6.09 -10.25
C ASP A 82 -30.45 5.60 -11.03
N LEU A 83 -29.59 4.83 -10.37
CA LEU A 83 -28.42 4.30 -11.04
C LEU A 83 -28.70 2.91 -11.61
N ARG A 84 -28.28 2.69 -12.85
CA ARG A 84 -28.43 1.39 -13.49
C ARG A 84 -27.07 0.72 -13.56
N PHE A 85 -27.09 -0.62 -13.43
CA PHE A 85 -25.88 -1.39 -13.29
C PHE A 85 -25.75 -2.40 -14.41
N GLN A 86 -24.60 -2.42 -15.07
CA GLN A 86 -24.24 -3.55 -15.89
C GLN A 86 -24.01 -4.75 -14.97
N SER A 87 -24.43 -5.93 -15.43
CA SER A 87 -24.21 -7.14 -14.67
C SER A 87 -22.71 -7.43 -14.56
N SER A 88 -21.95 -7.08 -15.60
CA SER A 88 -20.50 -7.22 -15.57
C SER A 88 -19.87 -6.39 -14.47
N ALA A 89 -20.36 -5.17 -14.26
CA ALA A 89 -19.83 -4.32 -13.19
C ALA A 89 -20.08 -4.95 -11.83
N VAL A 90 -21.28 -5.52 -11.63
CA VAL A 90 -21.61 -6.16 -10.36
C VAL A 90 -20.73 -7.38 -10.14
N MET A 91 -20.54 -8.18 -11.19
CA MET A 91 -19.70 -9.38 -11.06
C MET A 91 -18.25 -9.01 -10.79
N ALA A 92 -17.75 -7.97 -11.46
CA ALA A 92 -16.38 -7.52 -11.23
C ALA A 92 -16.20 -6.99 -9.82
N LEU A 93 -17.19 -6.25 -9.33
CA LEU A 93 -17.15 -5.76 -7.96
C LEU A 93 -17.20 -6.92 -6.97
N GLN A 94 -17.98 -7.95 -7.28
CA GLN A 94 -18.02 -9.15 -6.46
C GLN A 94 -16.67 -9.83 -6.42
N GLU A 95 -16.00 -9.94 -7.58
CA GLU A 95 -14.69 -10.56 -7.64
C GLU A 95 -13.66 -9.79 -6.84
N ALA A 96 -13.63 -8.47 -7.02
CA ALA A 96 -12.66 -7.65 -6.31
C ALA A 96 -12.91 -7.66 -4.81
N SER A 97 -14.19 -7.62 -4.41
CA SER A 97 -14.52 -7.65 -3.00
C SER A 97 -14.15 -8.97 -2.36
N GLU A 98 -14.45 -10.09 -3.06
CA GLU A 98 -14.10 -11.40 -2.52
C GLU A 98 -12.59 -11.55 -2.39
N ALA A 99 -11.83 -11.08 -3.38
CA ALA A 99 -10.37 -11.19 -3.31
C ALA A 99 -9.80 -10.32 -2.20
N TYR A 100 -10.33 -9.09 -2.06
CA TYR A 100 -9.88 -8.19 -1.00
C TYR A 100 -10.16 -8.79 0.37
N LEU A 101 -11.36 -9.33 0.55
CA LEU A 101 -11.70 -9.99 1.81
C LEU A 101 -10.83 -11.20 2.07
N VAL A 102 -10.57 -12.01 1.04
CA VAL A 102 -9.77 -13.21 1.22
C VAL A 102 -8.35 -12.85 1.64
N GLY A 103 -7.75 -11.87 0.97
CA GLY A 103 -6.43 -11.41 1.36
C GLY A 103 -6.40 -10.85 2.78
N LEU A 104 -7.48 -10.17 3.17
CA LEU A 104 -7.61 -9.72 4.55
C LEU A 104 -7.64 -10.91 5.51
N PHE A 105 -8.30 -12.00 5.14
CA PHE A 105 -8.29 -13.16 6.03
C PHE A 105 -6.95 -13.89 6.04
N GLU A 106 -6.17 -13.87 4.96
CA GLU A 106 -4.82 -14.43 5.09
C GLU A 106 -3.97 -13.57 6.01
N ASP A 107 -4.14 -12.25 5.95
CA ASP A 107 -3.47 -11.38 6.91
C ASP A 107 -3.94 -11.68 8.33
N THR A 108 -5.24 -11.94 8.49
CA THR A 108 -5.80 -12.29 9.78
C THR A 108 -5.25 -13.61 10.28
N ASN A 109 -5.07 -14.57 9.38
CA ASN A 109 -4.46 -15.85 9.72
C ASN A 109 -3.03 -15.68 10.19
N LEU A 110 -2.28 -14.81 9.50
CA LEU A 110 -0.92 -14.50 9.92
C LEU A 110 -0.90 -13.88 11.31
N ALA A 111 -1.84 -12.98 11.58
CA ALA A 111 -1.92 -12.38 12.91
C ALA A 111 -2.29 -13.42 13.96
N ALA A 112 -3.21 -14.31 13.63
CA ALA A 112 -3.69 -15.29 14.61
C ALA A 112 -2.61 -16.31 14.95
N ILE A 113 -1.91 -16.82 13.93
CA ILE A 113 -0.80 -17.72 14.20
C ILE A 113 0.33 -16.96 14.88
N HIS A 114 0.44 -15.66 14.61
CA HIS A 114 1.43 -14.84 15.31
C HIS A 114 1.06 -14.66 16.76
N ALA A 115 -0.23 -14.60 17.04
CA ALA A 115 -0.73 -14.53 18.41
C ALA A 115 -0.85 -15.89 19.07
N LYS A 116 -0.26 -16.93 18.47
CA LYS A 116 -0.25 -18.30 18.97
C LYS A 116 -1.64 -18.88 19.12
N ARG A 117 -2.60 -18.39 18.33
CA ARG A 117 -3.96 -18.89 18.36
C ARG A 117 -4.33 -19.47 16.99
N VAL A 118 -5.39 -20.28 16.99
CA VAL A 118 -5.94 -20.81 15.76
C VAL A 118 -7.31 -20.25 15.45
N THR A 119 -7.90 -19.51 16.38
CA THR A 119 -9.19 -18.87 16.16
C THR A 119 -8.93 -17.39 15.89
N ILE A 120 -9.47 -16.90 14.77
CA ILE A 120 -9.33 -15.49 14.45
C ILE A 120 -10.17 -14.66 15.40
N MET A 121 -9.73 -13.44 15.64
CA MET A 121 -10.23 -12.59 16.70
C MET A 121 -10.50 -11.23 16.07
N PRO A 122 -11.46 -10.46 16.60
CA PRO A 122 -11.68 -9.10 16.06
C PRO A 122 -10.47 -8.19 16.09
N LYS A 123 -9.64 -8.29 17.14
CA LYS A 123 -8.44 -7.46 17.18
C LYS A 123 -7.47 -7.83 16.07
N ASP A 124 -7.53 -9.08 15.58
CA ASP A 124 -6.66 -9.47 14.48
C ASP A 124 -7.01 -8.71 13.20
N ILE A 125 -8.29 -8.63 12.87
CA ILE A 125 -8.70 -7.88 11.68
C ILE A 125 -8.42 -6.39 11.87
N GLN A 126 -8.67 -5.88 13.07
CA GLN A 126 -8.38 -4.47 13.33
C GLN A 126 -6.89 -4.17 13.17
N LEU A 127 -6.05 -5.07 13.69
CA LEU A 127 -4.60 -4.94 13.53
C LEU A 127 -4.20 -5.00 12.07
N ALA A 128 -4.74 -5.96 11.32
CA ALA A 128 -4.35 -6.13 9.93
C ALA A 128 -4.76 -4.93 9.08
N ARG A 129 -5.96 -4.41 9.34
CA ARG A 129 -6.41 -3.21 8.65
C ARG A 129 -5.52 -2.02 8.99
N ARG A 130 -5.10 -1.90 10.25
CA ARG A 130 -4.27 -0.78 10.62
C ARG A 130 -2.87 -0.91 10.03
N ILE A 131 -2.34 -2.13 9.95
CA ILE A 131 -1.02 -2.34 9.38
C ILE A 131 -1.02 -2.07 7.89
N ARG A 132 -2.11 -2.46 7.20
CA ARG A 132 -2.21 -2.15 5.78
C ARG A 132 -2.34 -0.65 5.51
N GLY A 133 -2.69 0.14 6.52
CA GLY A 133 -2.74 1.58 6.36
C GLY A 133 -4.12 2.15 6.17
N GLU A 134 -5.13 1.56 6.78
CA GLU A 134 -6.49 2.10 6.74
C GLU A 134 -7.09 2.18 8.13
N LYS B 21 -38.02 -1.49 -4.32
CA LYS B 21 -37.12 -0.47 -4.85
C LYS B 21 -36.19 0.03 -3.75
N VAL B 22 -36.77 0.44 -2.63
CA VAL B 22 -35.99 0.95 -1.51
C VAL B 22 -35.72 -0.18 -0.52
N LEU B 23 -34.44 -0.46 -0.29
CA LEU B 23 -34.01 -1.58 0.54
C LEU B 23 -33.16 -1.07 1.69
N ARG B 24 -33.15 -1.80 2.80
CA ARG B 24 -32.53 -1.30 4.03
C ARG B 24 -31.40 -2.16 4.56
N ASP B 25 -31.58 -3.47 4.69
CA ASP B 25 -30.71 -4.29 5.54
C ASP B 25 -30.00 -5.36 4.73
N ASN B 26 -29.46 -4.99 3.59
CA ASN B 26 -28.82 -5.96 2.71
C ASN B 26 -27.36 -6.18 3.03
N ILE B 27 -26.80 -5.46 4.01
CA ILE B 27 -25.51 -5.85 4.56
C ILE B 27 -25.63 -7.21 5.23
N GLN B 28 -26.80 -7.50 5.80
CA GLN B 28 -27.08 -8.84 6.30
C GLN B 28 -27.32 -9.83 5.17
N GLY B 29 -27.50 -9.36 3.94
CA GLY B 29 -27.54 -10.24 2.79
C GLY B 29 -26.26 -10.99 2.53
N ILE B 30 -25.12 -10.48 3.01
CA ILE B 30 -23.88 -11.25 3.05
C ILE B 30 -24.01 -12.14 4.27
N THR B 31 -24.51 -13.35 4.06
CA THR B 31 -24.85 -14.25 5.14
C THR B 31 -23.58 -14.78 5.82
N LYS B 32 -23.77 -15.25 7.05
CA LYS B 32 -22.65 -15.81 7.82
C LYS B 32 -21.97 -16.99 7.16
N PRO B 33 -22.66 -18.01 6.62
CA PRO B 33 -21.92 -19.09 5.92
C PRO B 33 -21.17 -18.62 4.69
N ALA B 34 -21.61 -17.56 4.03
CA ALA B 34 -20.83 -16.97 2.95
C ALA B 34 -19.51 -16.42 3.47
N ILE B 35 -19.54 -15.79 4.63
CA ILE B 35 -18.32 -15.30 5.26
C ILE B 35 -17.43 -16.46 5.67
N ARG B 36 -18.04 -17.56 6.13
CA ARG B 36 -17.27 -18.76 6.42
C ARG B 36 -16.62 -19.32 5.17
N ARG B 37 -17.34 -19.28 4.04
CA ARG B 37 -16.76 -19.73 2.77
C ARG B 37 -15.57 -18.88 2.37
N LEU B 38 -15.70 -17.56 2.52
CA LEU B 38 -14.59 -16.65 2.22
C LEU B 38 -13.40 -16.92 3.14
N ALA B 39 -13.68 -17.23 4.40
CA ALA B 39 -12.63 -17.52 5.36
C ALA B 39 -11.93 -18.83 5.03
N ARG B 40 -12.68 -19.84 4.59
CA ARG B 40 -12.06 -21.11 4.22
C ARG B 40 -11.23 -20.96 2.96
N ARG B 41 -11.67 -20.12 2.02
CA ARG B 41 -10.80 -19.78 0.90
C ARG B 41 -9.63 -18.94 1.39
N GLY B 42 -9.82 -18.15 2.42
CA GLY B 42 -8.73 -17.43 3.04
C GLY B 42 -7.86 -18.25 3.96
N GLY B 43 -8.15 -19.55 4.10
CA GLY B 43 -7.34 -20.40 4.94
C GLY B 43 -7.60 -20.27 6.42
N VAL B 44 -8.74 -19.74 6.81
CA VAL B 44 -9.10 -19.64 8.22
C VAL B 44 -9.63 -20.98 8.67
N LYS B 45 -9.09 -21.48 9.78
CA LYS B 45 -9.57 -22.75 10.32
C LYS B 45 -10.69 -22.56 11.33
N ARG B 46 -10.60 -21.54 12.18
CA ARG B 46 -11.62 -21.29 13.18
C ARG B 46 -11.99 -19.81 13.17
N ILE B 47 -13.29 -19.53 13.25
CA ILE B 47 -13.83 -18.19 13.15
C ILE B 47 -14.54 -17.87 14.44
N SER B 48 -14.25 -16.73 15.04
CA SER B 48 -15.03 -16.30 16.20
C SER B 48 -16.42 -15.85 15.74
N GLY B 49 -17.37 -15.89 16.67
CA GLY B 49 -18.72 -15.46 16.37
C GLY B 49 -18.86 -13.97 16.17
N LEU B 50 -17.94 -13.18 16.72
CA LEU B 50 -17.96 -11.74 16.60
C LEU B 50 -17.42 -11.25 15.26
N ILE B 51 -16.93 -12.16 14.43
CA ILE B 51 -16.15 -11.76 13.26
C ILE B 51 -17.06 -11.22 12.16
N TYR B 52 -18.23 -11.84 11.98
CA TYR B 52 -19.02 -11.68 10.76
C TYR B 52 -19.54 -10.26 10.58
N GLU B 53 -20.06 -9.65 11.64
CA GLU B 53 -20.56 -8.28 11.52
C GLU B 53 -19.42 -7.29 11.33
N GLU B 54 -18.27 -7.56 11.92
CA GLU B 54 -17.10 -6.73 11.68
C GLU B 54 -16.68 -6.79 10.23
N THR B 55 -16.61 -8.00 9.67
CA THR B 55 -16.25 -8.15 8.28
C THR B 55 -17.31 -7.53 7.37
N ARG B 56 -18.56 -7.58 7.79
CA ARG B 56 -19.63 -6.88 7.07
C ARG B 56 -19.36 -5.38 7.03
N GLY B 57 -18.99 -4.80 8.16
CA GLY B 57 -18.65 -3.39 8.18
C GLY B 57 -17.44 -3.06 7.35
N VAL B 58 -16.44 -3.95 7.37
CA VAL B 58 -15.21 -3.73 6.61
C VAL B 58 -15.47 -3.76 5.11
N LEU B 59 -16.18 -4.80 4.65
CA LEU B 59 -16.50 -4.90 3.24
C LEU B 59 -17.43 -3.78 2.83
N LYS B 60 -18.27 -3.32 3.74
CA LYS B 60 -19.05 -2.12 3.52
C LYS B 60 -18.15 -0.93 3.23
N VAL B 61 -17.29 -0.53 4.20
CA VAL B 61 -16.50 0.69 4.10
C VAL B 61 -15.68 0.68 2.81
N PHE B 62 -15.08 -0.48 2.51
CA PHE B 62 -14.43 -0.72 1.22
C PHE B 62 -15.39 -0.47 0.06
N LEU B 63 -16.62 -0.96 0.16
CA LEU B 63 -17.48 -0.88 -1.01
C LEU B 63 -17.99 0.53 -1.24
N GLU B 64 -18.29 1.31 -0.19
CA GLU B 64 -18.73 2.68 -0.51
C GLU B 64 -17.56 3.52 -0.99
N ASN B 65 -16.33 3.19 -0.54
CA ASN B 65 -15.16 3.82 -1.17
C ASN B 65 -15.14 3.57 -2.67
N VAL B 66 -15.22 2.30 -3.07
CA VAL B 66 -15.04 1.99 -4.49
C VAL B 66 -16.24 2.46 -5.31
N ILE B 67 -17.46 2.41 -4.75
CA ILE B 67 -18.60 2.77 -5.59
C ILE B 67 -18.78 4.28 -5.57
N ARG B 68 -18.28 4.97 -4.54
CA ARG B 68 -18.25 6.42 -4.58
C ARG B 68 -17.33 6.88 -5.69
N ASP B 69 -16.18 6.23 -5.83
CA ASP B 69 -15.32 6.50 -6.98
C ASP B 69 -16.02 6.16 -8.28
N ALA B 70 -16.72 5.04 -8.33
CA ALA B 70 -17.40 4.60 -9.55
C ALA B 70 -18.52 5.56 -9.94
N VAL B 71 -19.29 6.00 -8.96
CA VAL B 71 -20.35 6.99 -9.17
C VAL B 71 -19.75 8.29 -9.67
N THR B 72 -18.60 8.70 -9.11
CA THR B 72 -17.95 9.92 -9.57
C THR B 72 -17.53 9.80 -11.03
N TYR B 73 -16.97 8.64 -11.40
CA TYR B 73 -16.64 8.38 -12.80
C TYR B 73 -17.88 8.42 -13.67
N THR B 74 -18.98 7.82 -13.19
CA THR B 74 -20.17 7.66 -14.01
C THR B 74 -20.85 8.99 -14.26
N GLU B 75 -20.94 9.83 -13.23
CA GLU B 75 -21.50 11.16 -13.42
C GLU B 75 -20.56 12.02 -14.25
N HIS B 76 -19.25 11.75 -14.17
CA HIS B 76 -18.33 12.44 -15.06
C HIS B 76 -18.56 12.03 -16.52
N ALA B 77 -19.00 10.79 -16.72
CA ALA B 77 -19.32 10.33 -18.06
C ALA B 77 -20.68 10.81 -18.55
N LYS B 78 -21.40 11.59 -17.72
CA LYS B 78 -22.77 12.02 -17.98
C LYS B 78 -23.69 10.82 -18.21
N ARG B 79 -23.44 9.74 -17.48
CA ARG B 79 -24.22 8.52 -17.56
C ARG B 79 -24.86 8.23 -16.22
N LYS B 80 -25.99 7.53 -16.28
CA LYS B 80 -26.56 6.91 -15.09
C LYS B 80 -26.39 5.40 -15.10
N THR B 81 -25.80 4.86 -16.15
CA THR B 81 -25.51 3.43 -16.25
C THR B 81 -24.06 3.22 -15.85
N VAL B 82 -23.86 2.40 -14.81
CA VAL B 82 -22.52 2.13 -14.32
C VAL B 82 -21.89 1.03 -15.17
N THR B 83 -20.68 1.29 -15.66
CA THR B 83 -19.95 0.32 -16.46
C THR B 83 -18.87 -0.37 -15.62
N ALA B 84 -18.52 -1.58 -16.02
CA ALA B 84 -17.41 -2.29 -15.39
C ALA B 84 -16.09 -1.60 -15.69
N MET B 85 -16.02 -0.85 -16.79
CA MET B 85 -14.86 -0.03 -17.10
C MET B 85 -14.62 1.00 -16.01
N ASP B 86 -15.69 1.64 -15.54
CA ASP B 86 -15.58 2.58 -14.43
C ASP B 86 -15.16 1.86 -13.16
N VAL B 87 -15.64 0.63 -12.96
CA VAL B 87 -15.29 -0.14 -11.78
C VAL B 87 -13.80 -0.46 -11.76
N VAL B 88 -13.25 -0.88 -12.89
CA VAL B 88 -11.84 -1.23 -12.92
C VAL B 88 -10.97 0.03 -12.82
N TYR B 89 -11.48 1.16 -13.33
CA TYR B 89 -10.82 2.44 -13.05
C TYR B 89 -10.75 2.71 -11.56
N ALA B 90 -11.87 2.53 -10.86
CA ALA B 90 -11.94 2.82 -9.43
C ALA B 90 -11.03 1.90 -8.64
N LEU B 91 -11.00 0.61 -9.00
CA LEU B 91 -10.16 -0.33 -8.27
C LEU B 91 -8.68 -0.08 -8.53
N LYS B 92 -8.29 0.32 -9.75
CA LYS B 92 -6.86 0.53 -9.93
C LYS B 92 -6.45 1.86 -9.33
N ARG B 93 -7.41 2.77 -9.14
CA ARG B 93 -7.08 4.03 -8.50
C ARG B 93 -6.78 3.84 -7.02
N GLN B 94 -7.37 2.81 -6.40
CA GLN B 94 -7.04 2.43 -5.04
C GLN B 94 -5.87 1.46 -4.98
N GLY B 95 -5.15 1.28 -6.07
CA GLY B 95 -4.05 0.34 -6.11
C GLY B 95 -4.47 -1.10 -5.93
N ARG B 96 -5.64 -1.46 -6.42
CA ARG B 96 -6.22 -2.79 -6.27
C ARG B 96 -6.71 -3.30 -7.61
N THR B 97 -5.83 -3.25 -8.60
CA THR B 97 -6.19 -3.48 -10.00
C THR B 97 -6.71 -4.89 -10.23
N LEU B 98 -7.80 -4.98 -10.96
CA LEU B 98 -8.47 -6.24 -11.29
C LEU B 98 -8.32 -6.49 -12.78
N TYR B 99 -8.02 -7.74 -13.13
CA TYR B 99 -7.90 -8.13 -14.52
C TYR B 99 -9.16 -8.87 -14.96
N GLY B 100 -9.46 -8.77 -16.25
CA GLY B 100 -10.49 -9.57 -16.88
C GLY B 100 -11.79 -8.86 -17.17
N PHE B 101 -11.83 -7.54 -17.16
CA PHE B 101 -13.08 -6.82 -17.39
C PHE B 101 -12.86 -5.65 -18.34
N GLY B 102 -12.20 -5.92 -19.46
CA GLY B 102 -12.13 -4.97 -20.54
C GLY B 102 -11.11 -3.85 -20.36
N GLY B 103 -10.30 -3.89 -19.31
CA GLY B 103 -9.31 -2.86 -19.08
C GLY B 103 -8.20 -2.83 -20.13
N ALA C 28 -1.76 50.61 -28.51
CA ALA C 28 -3.14 50.71 -28.04
C ALA C 28 -3.56 49.45 -27.30
N ARG C 29 -2.57 48.73 -26.77
CA ARG C 29 -2.85 47.48 -26.08
C ARG C 29 -3.50 47.77 -24.72
N ALA C 30 -4.26 46.79 -24.23
CA ALA C 30 -4.82 46.90 -22.89
C ALA C 30 -3.72 46.75 -21.85
N LYS C 31 -4.00 47.30 -20.67
CA LYS C 31 -3.05 47.21 -19.56
C LYS C 31 -2.93 45.76 -19.10
N ALA C 32 -1.70 45.32 -18.87
CA ALA C 32 -1.41 43.92 -18.57
C ALA C 32 -1.95 43.56 -17.19
N LYS C 33 -3.07 42.87 -17.16
CA LYS C 33 -3.68 42.46 -15.90
C LYS C 33 -3.44 40.97 -15.72
N THR C 34 -3.57 40.47 -14.50
CA THR C 34 -3.16 39.11 -14.18
C THR C 34 -4.36 38.25 -13.86
N ARG C 35 -4.28 36.99 -14.28
CA ARG C 35 -5.42 36.09 -14.18
C ARG C 35 -5.65 35.64 -12.75
N SER C 36 -4.60 35.56 -11.93
CA SER C 36 -4.78 35.23 -10.53
C SER C 36 -5.58 36.31 -9.81
N SER C 37 -5.30 37.57 -10.14
CA SER C 37 -6.12 38.65 -9.63
C SER C 37 -7.53 38.61 -10.23
N ARG C 38 -7.66 38.15 -11.48
CA ARG C 38 -8.97 38.01 -12.09
C ARG C 38 -9.81 36.99 -11.35
N ALA C 39 -9.19 35.92 -10.87
CA ALA C 39 -9.88 35.00 -9.98
C ALA C 39 -9.70 35.35 -8.52
N GLY C 40 -9.02 36.45 -8.21
CA GLY C 40 -8.76 36.81 -6.83
C GLY C 40 -7.87 35.83 -6.08
N LEU C 41 -6.88 35.26 -6.76
CA LEU C 41 -6.08 34.19 -6.21
C LEU C 41 -4.63 34.59 -6.06
N GLN C 42 -3.92 33.84 -5.23
CA GLN C 42 -2.50 34.08 -5.01
C GLN C 42 -1.61 33.19 -5.85
N PHE C 43 -2.04 31.97 -6.14
CA PHE C 43 -1.23 31.06 -6.94
C PHE C 43 -1.22 31.48 -8.40
N PRO C 44 -0.09 31.30 -9.09
CA PRO C 44 0.04 31.79 -10.46
C PRO C 44 -0.77 30.96 -11.44
N VAL C 45 -1.78 31.60 -12.05
CA VAL C 45 -2.58 30.93 -13.07
C VAL C 45 -1.72 30.64 -14.30
N GLY C 46 -0.88 31.61 -14.70
CA GLY C 46 -0.08 31.44 -15.89
C GLY C 46 0.96 30.34 -15.76
N ARG C 47 1.62 30.26 -14.60
CA ARG C 47 2.60 29.21 -14.38
C ARG C 47 1.97 27.83 -14.38
N VAL C 48 0.83 27.68 -13.71
CA VAL C 48 0.14 26.39 -13.66
C VAL C 48 -0.36 26.01 -15.05
N HIS C 49 -0.85 26.99 -15.80
CA HIS C 49 -1.30 26.75 -17.17
C HIS C 49 -0.15 26.31 -18.06
N ARG C 50 1.01 26.95 -17.92
CA ARG C 50 2.19 26.55 -18.69
C ARG C 50 2.65 25.15 -18.30
N LEU C 51 2.64 24.83 -17.01
CA LEU C 51 3.03 23.50 -16.55
C LEU C 51 2.09 22.43 -17.05
N LEU C 52 0.79 22.73 -17.10
CA LEU C 52 -0.16 21.76 -17.63
C LEU C 52 0.00 21.60 -19.14
N ARG C 53 0.31 22.69 -19.85
CA ARG C 53 0.53 22.59 -21.29
C ARG C 53 1.78 21.77 -21.61
N LYS C 54 2.84 21.97 -20.83
CA LYS C 54 4.08 21.25 -21.08
C LYS C 54 4.20 19.97 -20.26
N GLY C 55 3.25 19.70 -19.36
CA GLY C 55 3.26 18.44 -18.66
C GLY C 55 2.70 17.28 -19.45
N ASN C 56 2.19 17.56 -20.65
CA ASN C 56 1.68 16.55 -21.59
C ASN C 56 0.58 15.70 -20.97
N TYR C 57 -0.53 16.35 -20.64
CA TYR C 57 -1.69 15.65 -20.10
C TYR C 57 -2.85 15.63 -21.07
N SER C 58 -2.92 16.59 -21.97
CA SER C 58 -3.85 16.59 -23.09
C SER C 58 -3.32 17.54 -24.14
N GLU C 59 -3.90 17.47 -25.33
CA GLU C 59 -3.51 18.40 -26.38
C GLU C 59 -4.09 19.79 -26.15
N ARG C 60 -5.24 19.87 -25.51
CA ARG C 60 -5.87 21.16 -25.19
C ARG C 60 -6.25 21.18 -23.73
N VAL C 61 -6.42 22.40 -23.20
CA VAL C 61 -6.90 22.60 -21.83
C VAL C 61 -7.92 23.73 -21.84
N GLY C 62 -8.96 23.59 -21.03
CA GLY C 62 -9.92 24.66 -20.87
C GLY C 62 -9.34 25.83 -20.11
N ALA C 63 -9.93 27.01 -20.35
CA ALA C 63 -9.39 28.23 -19.76
C ALA C 63 -9.57 28.24 -18.24
N GLY C 64 -10.72 27.79 -17.74
CA GLY C 64 -10.97 27.81 -16.31
C GLY C 64 -10.37 26.67 -15.53
N ALA C 65 -9.86 25.66 -16.22
CA ALA C 65 -9.27 24.51 -15.55
C ALA C 65 -8.03 24.84 -14.71
N PRO C 66 -7.02 25.58 -15.20
CA PRO C 66 -5.93 25.94 -14.28
C PRO C 66 -6.36 26.89 -13.20
N VAL C 67 -7.39 27.70 -13.45
CA VAL C 67 -7.96 28.56 -12.42
C VAL C 67 -8.52 27.72 -11.28
N TYR C 68 -9.29 26.67 -11.63
CA TYR C 68 -9.84 25.77 -10.63
C TYR C 68 -8.72 25.05 -9.88
N LEU C 69 -7.71 24.58 -10.61
CA LEU C 69 -6.61 23.86 -9.99
C LEU C 69 -5.83 24.75 -9.02
N ALA C 70 -5.54 25.97 -9.43
CA ALA C 70 -4.82 26.91 -8.57
C ALA C 70 -5.66 27.27 -7.34
N ALA C 71 -6.98 27.38 -7.53
CA ALA C 71 -7.84 27.67 -6.39
C ALA C 71 -7.83 26.53 -5.38
N VAL C 72 -7.88 25.29 -5.87
CA VAL C 72 -7.87 24.13 -4.97
C VAL C 72 -6.55 24.05 -4.22
N LEU C 73 -5.44 24.22 -4.95
CA LEU C 73 -4.12 24.21 -4.33
C LEU C 73 -3.97 25.33 -3.32
N GLU C 74 -4.52 26.50 -3.63
CA GLU C 74 -4.46 27.62 -2.70
C GLU C 74 -5.24 27.32 -1.43
N TYR C 75 -6.40 26.67 -1.56
CA TYR C 75 -7.18 26.31 -0.37
C TYR C 75 -6.43 25.30 0.49
N LEU C 76 -5.85 24.28 -0.14
CA LEU C 76 -5.10 23.27 0.62
C LEU C 76 -3.90 23.88 1.31
N THR C 77 -3.16 24.73 0.61
CA THR C 77 -2.00 25.37 1.23
C THR C 77 -2.43 26.32 2.34
N ALA C 78 -3.55 27.01 2.16
CA ALA C 78 -4.03 27.92 3.19
C ALA C 78 -4.40 27.18 4.47
N GLU C 79 -5.12 26.07 4.33
CA GLU C 79 -5.51 25.33 5.53
C GLU C 79 -4.30 24.67 6.19
N ILE C 80 -3.35 24.16 5.41
CA ILE C 80 -2.21 23.50 6.04
C ILE C 80 -1.30 24.53 6.69
N LEU C 81 -1.19 25.73 6.10
CA LEU C 81 -0.40 26.79 6.73
C LEU C 81 -1.08 27.30 7.98
N GLU C 82 -2.41 27.35 7.99
CA GLU C 82 -3.12 27.77 9.19
C GLU C 82 -2.91 26.77 10.32
N LEU C 83 -2.98 25.48 9.99
CA LEU C 83 -2.71 24.44 10.99
C LEU C 83 -1.27 24.51 11.48
N ALA C 84 -0.33 24.78 10.57
CA ALA C 84 1.07 24.90 10.96
C ALA C 84 1.29 26.11 11.87
N GLY C 85 0.63 27.23 11.58
CA GLY C 85 0.75 28.40 12.43
C GLY C 85 0.16 28.17 13.80
N ASN C 86 -0.97 27.45 13.86
CA ASN C 86 -1.54 27.10 15.15
C ASN C 86 -0.61 26.18 15.93
N ALA C 87 0.03 25.23 15.24
CA ALA C 87 0.96 24.34 15.91
C ALA C 87 2.18 25.08 16.42
N ALA C 88 2.70 26.02 15.63
CA ALA C 88 3.85 26.82 16.05
C ALA C 88 3.48 27.72 17.23
N ARG C 89 2.25 28.23 17.25
CA ARG C 89 1.76 28.99 18.38
C ARG C 89 1.66 28.11 19.63
N ASP C 90 1.26 26.84 19.45
CA ASP C 90 1.21 25.91 20.57
C ASP C 90 2.58 25.65 21.16
N ASN C 91 3.61 25.58 20.31
CA ASN C 91 4.98 25.44 20.78
C ASN C 91 5.68 26.78 20.87
N LYS C 92 4.91 27.88 20.93
CA LYS C 92 5.35 29.25 21.23
C LYS C 92 6.53 29.74 20.37
N LYS C 93 6.68 29.16 19.18
CA LYS C 93 7.67 29.63 18.23
C LYS C 93 6.99 30.42 17.11
N THR C 94 7.62 31.49 16.69
CA THR C 94 7.03 32.42 15.74
C THR C 94 7.30 32.06 14.29
N ARG C 95 7.97 30.94 14.03
CA ARG C 95 8.37 30.58 12.68
C ARG C 95 8.01 29.12 12.42
N ILE C 96 7.58 28.83 11.19
CA ILE C 96 7.08 27.50 10.87
C ILE C 96 8.23 26.52 10.77
N ILE C 97 8.11 25.41 11.48
CA ILE C 97 9.12 24.36 11.51
C ILE C 97 8.47 23.10 10.96
N PRO C 98 9.21 22.26 10.24
CA PRO C 98 8.61 21.01 9.73
C PRO C 98 8.10 20.06 10.80
N ARG C 99 8.58 20.18 12.04
CA ARG C 99 7.95 19.45 13.14
C ARG C 99 6.50 19.86 13.29
N HIS C 100 6.23 21.17 13.17
CA HIS C 100 4.85 21.65 13.19
C HIS C 100 4.07 21.11 12.00
N LEU C 101 4.72 20.96 10.85
CA LEU C 101 4.06 20.38 9.69
C LEU C 101 3.66 18.93 9.95
N GLN C 102 4.56 18.15 10.56
CA GLN C 102 4.25 16.77 10.91
C GLN C 102 3.10 16.71 11.91
N LEU C 103 3.14 17.57 12.92
CA LEU C 103 2.08 17.59 13.93
C LEU C 103 0.74 17.99 13.31
N ALA C 104 0.77 18.90 12.33
CA ALA C 104 -0.46 19.34 11.69
C ALA C 104 -1.03 18.26 10.80
N ILE C 105 -0.19 17.65 9.96
CA ILE C 105 -0.69 16.67 8.98
C ILE C 105 -1.15 15.40 9.68
N ARG C 106 -0.39 14.93 10.67
CA ARG C 106 -0.74 13.68 11.31
C ARG C 106 -1.93 13.83 12.26
N ASN C 107 -2.33 15.04 12.59
CA ASN C 107 -3.48 15.22 13.48
C ASN C 107 -4.76 15.60 12.75
N ASP C 108 -4.74 15.75 11.43
CA ASP C 108 -5.96 15.93 10.66
C ASP C 108 -6.25 14.66 9.89
N GLU C 109 -7.46 14.13 10.09
CA GLU C 109 -7.80 12.81 9.55
C GLU C 109 -7.85 12.80 8.03
N GLU C 110 -8.49 13.81 7.43
CA GLU C 110 -8.59 13.83 5.97
C GLU C 110 -7.25 14.17 5.33
N LEU C 111 -6.45 15.01 5.97
CA LEU C 111 -5.09 15.25 5.50
C LEU C 111 -4.22 14.00 5.63
N ASN C 112 -4.37 13.29 6.76
CA ASN C 112 -3.60 12.06 6.95
C ASN C 112 -4.01 10.99 5.95
N LYS C 113 -5.29 10.96 5.58
CA LYS C 113 -5.73 10.05 4.54
C LYS C 113 -5.20 10.49 3.18
N LEU C 114 -5.05 11.81 2.98
CA LEU C 114 -4.42 12.30 1.77
C LEU C 114 -2.94 11.95 1.74
N LEU C 115 -2.26 12.04 2.87
CA LEU C 115 -0.81 11.95 2.94
C LEU C 115 -0.35 10.81 3.86
N GLY C 116 -1.01 9.65 3.76
CA GLY C 116 -0.59 8.51 4.57
C GLY C 116 0.75 7.94 4.15
N ARG C 117 0.99 7.88 2.84
CA ARG C 117 2.20 7.30 2.29
C ARG C 117 3.25 8.35 1.94
N VAL C 118 3.27 9.46 2.65
CA VAL C 118 4.19 10.55 2.36
C VAL C 118 5.26 10.61 3.44
N THR C 119 6.52 10.66 3.01
CA THR C 119 7.66 10.72 3.90
C THR C 119 8.06 12.18 4.09
N ILE C 120 8.21 12.60 5.34
CA ILE C 120 8.45 14.01 5.66
C ILE C 120 9.91 14.18 6.11
N ALA C 121 10.55 15.24 5.63
CA ALA C 121 11.88 15.57 6.12
C ALA C 121 11.80 16.21 7.49
N GLN C 122 12.63 15.71 8.43
CA GLN C 122 12.78 16.22 9.79
C GLN C 122 11.48 16.22 10.58
N GLY C 123 10.51 15.39 10.20
CA GLY C 123 9.21 15.47 10.82
C GLY C 123 9.12 14.80 12.17
N GLY C 124 9.91 13.76 12.40
CA GLY C 124 9.69 12.97 13.59
C GLY C 124 8.40 12.21 13.49
N VAL C 125 7.79 11.93 14.65
CA VAL C 125 6.50 11.26 14.71
C VAL C 125 5.63 11.99 15.71
N LEU C 126 4.36 11.60 15.75
CA LEU C 126 3.49 12.03 16.84
C LEU C 126 3.98 11.43 18.15
N PRO C 127 3.85 12.16 19.26
CA PRO C 127 4.11 11.55 20.57
C PRO C 127 3.04 10.51 20.87
N ASN C 128 3.42 9.25 20.79
CA ASN C 128 2.46 8.16 20.94
C ASN C 128 3.06 7.08 21.82
N ILE C 129 2.40 6.81 22.94
CA ILE C 129 2.77 5.72 23.82
C ILE C 129 1.55 4.84 23.99
N GLN C 130 1.70 3.54 23.73
CA GLN C 130 0.59 2.62 23.93
C GLN C 130 0.33 2.46 25.42
N ALA C 131 -0.93 2.17 25.76
CA ALA C 131 -1.35 2.16 27.15
C ALA C 131 -0.66 1.07 27.95
N VAL C 132 -0.40 -0.08 27.32
CA VAL C 132 0.28 -1.15 28.03
C VAL C 132 1.76 -0.83 28.26
N LEU C 133 2.34 0.06 27.44
CA LEU C 133 3.72 0.47 27.65
C LEU C 133 3.89 1.32 28.89
N LEU C 134 2.85 2.06 29.30
CA LEU C 134 2.93 2.82 30.52
C LEU C 134 2.83 1.89 31.73
N PRO C 135 3.50 2.23 32.83
CA PRO C 135 3.40 1.39 34.03
C PRO C 135 2.05 1.55 34.71
N LYS C 136 1.86 0.74 35.75
CA LYS C 136 0.61 0.76 36.52
C LYS C 136 0.46 2.06 37.31
N LYS D 31 25.93 34.88 -12.87
CA LYS D 31 24.51 34.60 -13.04
C LYS D 31 24.27 33.17 -13.50
N ARG D 32 23.10 32.64 -13.16
CA ARG D 32 22.70 31.29 -13.53
C ARG D 32 21.31 31.33 -14.16
N SER D 33 20.82 30.17 -14.56
CA SER D 33 19.50 30.07 -15.15
C SER D 33 18.42 30.23 -14.09
N ARG D 34 17.29 30.80 -14.49
CA ARG D 34 16.17 30.98 -13.56
C ARG D 34 15.58 29.64 -13.17
N LYS D 35 15.35 29.46 -11.87
CA LYS D 35 14.70 28.27 -11.33
C LYS D 35 13.43 28.76 -10.63
N GLU D 36 12.28 28.47 -11.23
CA GLU D 36 11.01 28.91 -10.65
C GLU D 36 10.68 28.13 -9.39
N SER D 37 10.13 28.83 -8.40
CA SER D 37 9.77 28.21 -7.14
C SER D 37 8.46 28.82 -6.66
N TYR D 38 7.95 28.24 -5.59
CA TYR D 38 6.62 28.59 -5.10
C TYR D 38 6.67 29.48 -3.86
N SER D 39 7.82 30.10 -3.60
CA SER D 39 8.05 30.78 -2.33
C SER D 39 7.14 31.98 -2.14
N VAL D 40 7.02 32.81 -3.17
CA VAL D 40 6.32 34.09 -3.02
C VAL D 40 4.83 33.88 -2.83
N TYR D 41 4.25 32.90 -3.53
CA TYR D 41 2.80 32.69 -3.46
C TYR D 41 2.41 32.12 -2.11
N VAL D 42 3.16 31.11 -1.66
CA VAL D 42 2.92 30.50 -0.36
C VAL D 42 3.19 31.51 0.75
N TYR D 43 4.17 32.39 0.54
CA TYR D 43 4.43 33.44 1.51
C TYR D 43 3.24 34.40 1.62
N LYS D 44 2.65 34.77 0.48
CA LYS D 44 1.49 35.65 0.50
C LYS D 44 0.30 35.00 1.19
N VAL D 45 0.03 33.73 0.88
CA VAL D 45 -1.12 33.08 1.51
C VAL D 45 -0.86 32.84 2.99
N LEU D 46 0.41 32.60 3.35
CA LEU D 46 0.79 32.48 4.74
C LEU D 46 0.54 33.78 5.50
N LYS D 47 0.91 34.90 4.89
CA LYS D 47 0.65 36.18 5.55
C LYS D 47 -0.82 36.52 5.63
N GLN D 48 -1.63 36.12 4.64
CA GLN D 48 -3.05 36.46 4.75
C GLN D 48 -3.77 35.50 5.68
N VAL D 49 -3.18 34.35 5.99
CA VAL D 49 -3.80 33.51 7.03
C VAL D 49 -3.11 33.71 8.37
N HIS D 50 -1.86 34.18 8.36
CA HIS D 50 -1.11 34.46 9.58
C HIS D 50 -0.12 35.57 9.30
N PRO D 51 -0.52 36.82 9.55
CA PRO D 51 0.44 37.93 9.41
C PRO D 51 1.60 37.83 10.39
N ASP D 52 1.37 37.21 11.53
CA ASP D 52 2.27 37.27 12.67
C ASP D 52 3.48 36.36 12.57
N THR D 53 3.39 35.26 11.83
CA THR D 53 4.40 34.22 11.95
C THR D 53 5.42 34.26 10.82
N GLY D 54 6.51 33.50 11.00
CA GLY D 54 7.55 33.38 10.02
C GLY D 54 7.62 31.98 9.42
N ILE D 55 8.59 31.80 8.53
CA ILE D 55 8.71 30.58 7.74
C ILE D 55 10.18 30.16 7.68
N SER D 56 10.41 28.85 7.74
CA SER D 56 11.74 28.32 7.48
C SER D 56 11.83 27.77 6.06
N SER D 57 13.00 27.96 5.44
CA SER D 57 13.12 27.76 4.01
C SER D 57 13.09 26.27 3.63
N LYS D 58 13.47 25.40 4.56
CA LYS D 58 13.42 23.98 4.24
C LYS D 58 12.02 23.41 4.47
N ALA D 59 11.25 24.03 5.36
CA ALA D 59 9.81 23.83 5.33
C ALA D 59 9.22 24.33 4.02
N MET D 60 9.80 25.39 3.46
CA MET D 60 9.35 25.85 2.15
C MET D 60 9.72 24.85 1.05
N GLY D 61 10.86 24.17 1.18
CA GLY D 61 11.15 23.08 0.26
C GLY D 61 10.12 21.97 0.36
N ILE D 62 9.69 21.67 1.59
CA ILE D 62 8.56 20.75 1.80
C ILE D 62 7.31 21.27 1.10
N MET D 63 7.05 22.57 1.18
CA MET D 63 5.88 23.15 0.54
C MET D 63 5.94 23.03 -0.98
N ASN D 64 7.12 23.24 -1.56
CA ASN D 64 7.28 23.04 -3.00
C ASN D 64 7.02 21.60 -3.38
N SER D 65 7.55 20.66 -2.59
CA SER D 65 7.33 19.25 -2.84
C SER D 65 5.85 18.89 -2.73
N PHE D 66 5.18 19.44 -1.72
CA PHE D 66 3.74 19.21 -1.53
C PHE D 66 2.92 19.72 -2.71
N VAL D 67 3.17 20.97 -3.11
CA VAL D 67 2.34 21.56 -4.15
C VAL D 67 2.61 20.88 -5.49
N ASN D 68 3.89 20.60 -5.78
CA ASN D 68 4.22 19.87 -7.01
C ASN D 68 3.64 18.48 -7.00
N ASP D 69 3.62 17.81 -5.84
CA ASP D 69 3.07 16.47 -5.74
C ASP D 69 1.57 16.46 -6.00
N ILE D 70 0.83 17.36 -5.35
CA ILE D 70 -0.61 17.37 -5.53
C ILE D 70 -0.98 17.82 -6.93
N PHE D 71 -0.23 18.78 -7.48
CA PHE D 71 -0.42 19.22 -8.86
C PHE D 71 -0.22 18.06 -9.83
N GLU D 72 0.83 17.27 -9.60
CA GLU D 72 1.10 16.11 -10.44
C GLU D 72 0.00 15.07 -10.32
N ARG D 73 -0.48 14.83 -9.10
CA ARG D 73 -1.52 13.82 -8.87
C ARG D 73 -2.80 14.20 -9.60
N ILE D 74 -3.25 15.44 -9.43
CA ILE D 74 -4.49 15.89 -10.04
C ILE D 74 -4.35 15.98 -11.55
N ALA D 75 -3.19 16.43 -12.03
CA ALA D 75 -2.97 16.51 -13.48
C ALA D 75 -2.97 15.12 -14.11
N GLY D 76 -2.34 14.14 -13.46
CA GLY D 76 -2.36 12.79 -13.99
C GLY D 76 -3.74 12.17 -13.98
N GLU D 77 -4.50 12.43 -12.91
CA GLU D 77 -5.87 11.91 -12.88
C GLU D 77 -6.74 12.55 -13.95
N ALA D 78 -6.59 13.86 -14.17
CA ALA D 78 -7.36 14.53 -15.21
C ALA D 78 -6.98 14.02 -16.59
N SER D 79 -5.69 13.77 -16.81
CA SER D 79 -5.25 13.19 -18.07
C SER D 79 -5.85 11.80 -18.28
N ARG D 80 -5.91 11.00 -17.20
CA ARG D 80 -6.55 9.69 -17.29
C ARG D 80 -8.03 9.81 -17.64
N LEU D 81 -8.72 10.76 -17.02
CA LEU D 81 -10.15 10.92 -17.26
C LEU D 81 -10.42 11.36 -18.69
N ALA D 82 -9.64 12.30 -19.20
CA ALA D 82 -9.82 12.74 -20.59
C ALA D 82 -9.44 11.62 -21.55
N HIS D 83 -8.49 10.78 -21.16
CA HIS D 83 -8.17 9.59 -21.94
C HIS D 83 -9.35 8.62 -21.97
N TYR D 84 -10.08 8.51 -20.86
CA TYR D 84 -11.19 7.56 -20.80
C TYR D 84 -12.37 8.05 -21.64
N ASN D 85 -12.63 9.35 -21.60
CA ASN D 85 -13.74 9.92 -22.33
C ASN D 85 -13.34 10.43 -23.70
N LYS D 86 -12.10 10.15 -24.12
CA LYS D 86 -11.59 10.48 -25.46
C LYS D 86 -11.65 11.97 -25.72
N ARG D 87 -11.37 12.75 -24.69
CA ARG D 87 -11.42 14.20 -24.75
C ARG D 87 -10.02 14.76 -24.91
N SER D 88 -9.84 15.59 -25.92
CA SER D 88 -8.57 16.26 -26.18
C SER D 88 -8.36 17.48 -25.31
N THR D 89 -9.38 17.92 -24.58
CA THR D 89 -9.32 19.14 -23.81
C THR D 89 -9.62 18.85 -22.34
N ILE D 90 -8.75 19.33 -21.47
CA ILE D 90 -8.98 19.28 -20.03
C ILE D 90 -9.77 20.51 -19.64
N THR D 91 -10.97 20.32 -19.12
CA THR D 91 -11.74 21.41 -18.56
C THR D 91 -11.74 21.31 -17.05
N SER D 92 -12.28 22.35 -16.41
CA SER D 92 -12.35 22.38 -14.96
C SER D 92 -13.30 21.31 -14.42
N ARG D 93 -14.21 20.81 -15.26
CA ARG D 93 -15.05 19.69 -14.87
C ARG D 93 -14.22 18.45 -14.58
N GLU D 94 -13.22 18.18 -15.42
CA GLU D 94 -12.34 17.05 -15.21
C GLU D 94 -11.57 17.18 -13.90
N ILE D 95 -11.01 18.37 -13.65
CA ILE D 95 -10.23 18.57 -12.43
C ILE D 95 -11.15 18.49 -11.21
N GLN D 96 -12.36 19.02 -11.33
CA GLN D 96 -13.32 18.99 -10.25
C GLN D 96 -13.72 17.56 -9.90
N THR D 97 -13.90 16.73 -10.94
CA THR D 97 -14.11 15.30 -10.75
C THR D 97 -12.92 14.66 -10.02
N ALA D 98 -11.71 15.03 -10.42
CA ALA D 98 -10.52 14.47 -9.78
C ALA D 98 -10.40 14.94 -8.34
N VAL D 99 -10.93 16.12 -8.05
CA VAL D 99 -10.99 16.63 -6.68
C VAL D 99 -11.91 15.74 -5.84
N ARG D 100 -13.05 15.35 -6.39
CA ARG D 100 -13.83 14.30 -5.73
C ARG D 100 -13.03 13.01 -5.57
N LEU D 101 -12.25 12.64 -6.60
CA LEU D 101 -11.59 11.35 -6.57
C LEU D 101 -10.50 11.27 -5.50
N LEU D 102 -9.63 12.26 -5.44
CA LEU D 102 -8.42 12.13 -4.62
C LEU D 102 -8.59 12.81 -3.27
N LEU D 103 -9.01 14.05 -3.27
CA LEU D 103 -9.11 14.82 -2.05
C LEU D 103 -10.25 14.30 -1.19
N PRO D 104 -9.98 13.94 0.06
CA PRO D 104 -10.99 13.24 0.86
C PRO D 104 -12.06 14.16 1.43
N GLY D 105 -13.32 13.81 1.12
CA GLY D 105 -14.50 14.33 1.78
C GLY D 105 -14.71 15.81 1.92
N GLU D 106 -14.68 16.28 3.17
CA GLU D 106 -15.09 17.65 3.48
C GLU D 106 -14.16 18.66 2.83
N LEU D 107 -12.87 18.32 2.75
CA LEU D 107 -11.92 19.11 1.97
C LEU D 107 -12.34 19.17 0.52
N ALA D 108 -12.87 18.07 -0.02
CA ALA D 108 -13.29 18.08 -1.41
C ALA D 108 -14.50 18.99 -1.64
N LYS D 109 -15.50 18.93 -0.74
CA LYS D 109 -16.62 19.85 -0.88
C LYS D 109 -16.19 21.30 -0.73
N HIS D 110 -15.29 21.58 0.21
CA HIS D 110 -14.72 22.92 0.32
C HIS D 110 -14.03 23.35 -0.96
N ALA D 111 -13.19 22.47 -1.52
CA ALA D 111 -12.43 22.81 -2.71
C ALA D 111 -13.33 23.05 -3.90
N VAL D 112 -14.42 22.27 -4.00
CA VAL D 112 -15.43 22.54 -5.01
C VAL D 112 -16.01 23.93 -4.82
N SER D 113 -16.29 24.32 -3.57
CA SER D 113 -16.83 25.65 -3.30
C SER D 113 -15.87 26.75 -3.73
N GLU D 114 -14.62 26.69 -3.27
CA GLU D 114 -13.69 27.79 -3.57
C GLU D 114 -13.35 27.83 -5.05
N GLY D 115 -13.08 26.66 -5.64
CA GLY D 115 -12.76 26.62 -7.05
C GLY D 115 -13.93 27.04 -7.93
N THR D 116 -15.15 26.69 -7.53
CA THR D 116 -16.32 27.08 -8.29
C THR D 116 -16.52 28.58 -8.25
N LYS D 117 -16.38 29.20 -7.07
CA LYS D 117 -16.58 30.64 -7.04
C LYS D 117 -15.43 31.37 -7.74
N ALA D 118 -14.22 30.81 -7.68
CA ALA D 118 -13.10 31.39 -8.43
C ALA D 118 -13.33 31.26 -9.93
N VAL D 119 -13.90 30.14 -10.37
CA VAL D 119 -14.22 29.94 -11.77
C VAL D 119 -15.27 30.95 -12.22
N THR D 120 -16.28 31.19 -11.39
CA THR D 120 -17.28 32.20 -11.73
C THR D 120 -16.68 33.60 -11.77
N LYS D 121 -15.76 33.89 -10.85
CA LYS D 121 -15.11 35.20 -10.85
C LYS D 121 -14.26 35.40 -12.10
N TYR D 122 -13.51 34.37 -12.51
CA TYR D 122 -12.72 34.49 -13.73
C TYR D 122 -13.62 34.50 -14.96
N THR D 123 -14.78 33.85 -14.85
CA THR D 123 -15.77 33.90 -15.92
C THR D 123 -16.30 35.32 -16.07
N SER D 124 -16.41 36.05 -14.96
CA SER D 124 -16.72 37.46 -14.98
C SER D 124 -15.49 38.33 -15.23
N ALA D 125 -14.40 37.74 -15.73
CA ALA D 125 -13.14 38.40 -16.06
C ALA D 125 -12.55 39.14 -14.85
N LYS E 38 24.21 5.24 48.52
CA LYS E 38 23.97 4.16 47.57
C LYS E 38 23.71 4.76 46.19
N PRO E 39 24.37 4.21 45.17
CA PRO E 39 24.18 4.73 43.82
C PRO E 39 22.79 4.44 43.29
N HIS E 40 22.15 5.47 42.77
CA HIS E 40 20.78 5.36 42.26
C HIS E 40 20.74 4.51 41.00
N ARG E 41 19.64 3.76 40.86
CA ARG E 41 19.41 2.96 39.66
C ARG E 41 17.91 2.91 39.40
N TYR E 42 17.49 3.36 38.23
CA TYR E 42 16.08 3.31 37.87
C TYR E 42 15.68 1.87 37.55
N ARG E 43 14.41 1.57 37.77
CA ARG E 43 13.88 0.27 37.38
C ARG E 43 13.77 0.19 35.86
N PRO E 44 13.81 -1.02 35.28
CA PRO E 44 13.78 -1.14 33.81
C PRO E 44 12.50 -0.60 33.19
N GLY E 45 12.66 0.00 32.02
CA GLY E 45 11.58 0.63 31.30
C GLY E 45 11.39 2.10 31.62
N THR E 46 11.75 2.52 32.83
CA THR E 46 11.59 3.92 33.22
C THR E 46 12.46 4.84 32.39
N VAL E 47 13.76 4.53 32.33
CA VAL E 47 14.66 5.26 31.43
C VAL E 47 14.23 5.06 30.00
N ALA E 48 13.83 3.84 29.64
CA ALA E 48 13.44 3.53 28.28
C ALA E 48 12.25 4.36 27.85
N LEU E 49 11.25 4.48 28.72
CA LEU E 49 10.12 5.35 28.43
C LEU E 49 10.54 6.81 28.40
N ARG E 50 11.54 7.18 29.21
CA ARG E 50 12.01 8.56 29.21
C ARG E 50 12.66 8.93 27.88
N GLU E 51 13.53 8.08 27.33
CA GLU E 51 14.04 8.41 26.00
C GLU E 51 13.01 8.15 24.91
N ILE E 52 11.99 7.34 25.18
CA ILE E 52 10.87 7.24 24.24
C ILE E 52 10.20 8.60 24.09
N ARG E 53 9.91 9.24 25.23
CA ARG E 53 9.33 10.57 25.20
C ARG E 53 10.29 11.58 24.60
N ARG E 54 11.58 11.43 24.89
CA ARG E 54 12.60 12.34 24.36
C ARG E 54 12.69 12.26 22.84
N TYR E 55 12.82 11.05 22.30
CA TYR E 55 12.98 10.88 20.87
C TYR E 55 11.68 11.08 20.10
N GLN E 56 10.53 10.83 20.72
CA GLN E 56 9.29 11.26 20.12
C GLN E 56 9.17 12.77 20.10
N LYS E 57 9.70 13.44 21.13
CA LYS E 57 9.75 14.90 21.09
C LYS E 57 10.78 15.40 20.10
N SER E 58 11.95 14.77 20.05
CA SER E 58 13.03 15.23 19.19
C SER E 58 12.74 14.87 17.74
N THR E 59 13.37 15.62 16.83
CA THR E 59 13.28 15.37 15.40
C THR E 59 14.63 15.04 14.78
N GLU E 60 15.71 15.17 15.53
CA GLU E 60 17.05 15.07 14.96
C GLU E 60 17.37 13.63 14.61
N LEU E 61 18.32 13.45 13.69
CA LEU E 61 18.59 12.16 13.08
C LEU E 61 19.36 11.26 14.03
N LEU E 62 18.92 10.01 14.13
CA LEU E 62 19.45 9.08 15.11
C LEU E 62 20.62 8.25 14.60
N ILE E 63 21.06 8.48 13.37
CA ILE E 63 22.09 7.67 12.75
C ILE E 63 23.38 8.47 12.64
N ARG E 64 24.49 7.84 13.03
CA ARG E 64 25.81 8.40 12.78
C ARG E 64 26.00 8.57 11.27
N LYS E 65 26.36 9.79 10.86
CA LYS E 65 26.25 10.17 9.45
C LYS E 65 27.26 9.43 8.59
N LEU E 66 28.50 9.41 9.01
CA LEU E 66 29.59 8.90 8.18
C LEU E 66 29.59 7.37 8.04
N PRO E 67 29.29 6.55 9.07
CA PRO E 67 29.08 5.13 8.79
C PRO E 67 27.94 4.85 7.84
N PHE E 68 26.87 5.64 7.92
CA PHE E 68 25.78 5.50 6.97
C PHE E 68 26.25 5.82 5.55
N GLN E 69 27.04 6.88 5.41
CA GLN E 69 27.59 7.24 4.10
C GLN E 69 28.50 6.14 3.56
N ARG E 70 29.29 5.53 4.45
CA ARG E 70 30.13 4.40 4.08
C ARG E 70 29.29 3.24 3.56
N LEU E 71 28.19 2.94 4.25
CA LEU E 71 27.33 1.82 3.84
C LEU E 71 26.67 2.12 2.50
N VAL E 72 26.26 3.38 2.29
CA VAL E 72 25.66 3.77 1.01
C VAL E 72 26.66 3.60 -0.12
N ARG E 73 27.89 4.06 0.07
CA ARG E 73 28.89 3.94 -0.99
C ARG E 73 29.26 2.47 -1.23
N GLU E 74 29.29 1.67 -0.17
CA GLU E 74 29.60 0.24 -0.32
C GLU E 74 28.53 -0.46 -1.14
N ILE E 75 27.26 -0.23 -0.81
CA ILE E 75 26.18 -0.89 -1.52
C ILE E 75 26.08 -0.37 -2.96
N ALA E 76 26.34 0.93 -3.15
CA ALA E 76 26.30 1.50 -4.48
C ALA E 76 27.40 0.96 -5.38
N GLN E 77 28.56 0.66 -4.79
CA GLN E 77 29.64 0.07 -5.56
C GLN E 77 29.31 -1.33 -6.06
N ASP E 78 28.37 -2.01 -5.41
CA ASP E 78 27.94 -3.32 -5.86
C ASP E 78 27.14 -3.27 -7.16
N PHE E 79 26.66 -2.10 -7.56
CA PHE E 79 25.90 -1.95 -8.79
C PHE E 79 26.66 -1.17 -9.85
N LYS E 80 27.38 -0.13 -9.44
CA LYS E 80 28.21 0.64 -10.35
C LYS E 80 29.43 1.11 -9.58
N THR E 81 30.60 0.94 -10.17
CA THR E 81 31.85 1.29 -9.52
C THR E 81 32.07 2.81 -9.55
N ASP E 82 32.84 3.27 -8.56
CA ASP E 82 33.35 4.65 -8.48
C ASP E 82 32.23 5.68 -8.43
N LEU E 83 31.12 5.33 -7.81
CA LEU E 83 29.99 6.26 -7.74
C LEU E 83 30.27 7.39 -6.76
N ARG E 84 29.82 8.58 -7.14
CA ARG E 84 29.98 9.77 -6.32
C ARG E 84 28.62 10.28 -5.92
N PHE E 85 28.55 10.87 -4.74
CA PHE E 85 27.28 11.23 -4.11
C PHE E 85 27.25 12.70 -3.75
N GLN E 86 26.16 13.37 -4.13
CA GLN E 86 25.81 14.61 -3.46
C GLN E 86 25.44 14.28 -2.03
N SER E 87 25.89 15.13 -1.10
CA SER E 87 25.64 14.88 0.32
C SER E 87 24.16 14.95 0.63
N SER E 88 23.43 15.83 -0.07
CA SER E 88 21.99 15.91 0.08
C SER E 88 21.30 14.62 -0.31
N ALA E 89 21.80 13.94 -1.35
CA ALA E 89 21.24 12.65 -1.73
C ALA E 89 21.42 11.63 -0.62
N VAL E 90 22.59 11.63 0.01
CA VAL E 90 22.85 10.72 1.13
C VAL E 90 21.92 11.04 2.29
N MET E 91 21.69 12.33 2.53
CA MET E 91 20.75 12.72 3.56
C MET E 91 19.35 12.23 3.25
N ALA E 92 18.90 12.42 2.01
CA ALA E 92 17.54 12.04 1.63
C ALA E 92 17.36 10.53 1.76
N LEU E 93 18.37 9.77 1.35
CA LEU E 93 18.40 8.33 1.61
C LEU E 93 18.31 8.05 3.10
N GLN E 94 18.95 8.88 3.92
CA GLN E 94 18.91 8.65 5.35
C GLN E 94 17.49 8.78 5.89
N GLU E 95 16.85 9.96 5.76
CA GLU E 95 15.51 10.10 6.35
C GLU E 95 14.49 9.14 5.72
N ALA E 96 14.68 8.78 4.45
CA ALA E 96 13.87 7.70 3.90
C ALA E 96 14.08 6.40 4.68
N SER E 97 15.34 6.11 5.02
CA SER E 97 15.65 4.87 5.72
C SER E 97 15.00 4.84 7.11
N GLU E 98 15.21 5.89 7.93
CA GLU E 98 14.62 5.75 9.26
C GLU E 98 13.12 5.96 9.24
N ALA E 99 12.57 6.61 8.21
CA ALA E 99 11.13 6.66 8.11
C ALA E 99 10.55 5.26 7.93
N TYR E 100 11.14 4.50 7.01
CA TYR E 100 10.72 3.12 6.82
C TYR E 100 10.94 2.30 8.09
N LEU E 101 12.10 2.49 8.73
CA LEU E 101 12.43 1.72 9.92
C LEU E 101 11.49 2.03 11.08
N VAL E 102 11.23 3.31 11.35
CA VAL E 102 10.35 3.67 12.45
C VAL E 102 8.96 3.12 12.23
N GLY E 103 8.39 3.37 11.03
CA GLY E 103 7.05 2.88 10.73
C GLY E 103 6.94 1.37 10.84
N LEU E 104 8.00 0.67 10.44
CA LEU E 104 8.13 -0.74 10.77
C LEU E 104 8.07 -0.99 12.26
N PHE E 105 8.73 -0.15 13.06
CA PHE E 105 8.72 -0.45 14.50
C PHE E 105 7.38 -0.18 15.17
N GLU E 106 6.61 0.85 14.77
CA GLU E 106 5.27 0.92 15.34
C GLU E 106 4.40 -0.25 14.87
N ASP E 107 4.61 -0.70 13.62
CA ASP E 107 3.90 -1.88 13.16
C ASP E 107 4.23 -3.11 14.02
N THR E 108 5.51 -3.33 14.28
CA THR E 108 5.92 -4.49 15.06
C THR E 108 5.54 -4.34 16.53
N ASN E 109 5.51 -3.10 17.03
CA ASN E 109 5.11 -2.87 18.41
C ASN E 109 3.64 -3.21 18.60
N LEU E 110 2.80 -2.79 17.65
CA LEU E 110 1.39 -3.15 17.70
C LEU E 110 1.21 -4.65 17.52
N ALA E 111 2.06 -5.28 16.72
CA ALA E 111 2.03 -6.74 16.60
C ALA E 111 2.42 -7.41 17.91
N ALA E 112 3.41 -6.86 18.61
CA ALA E 112 3.91 -7.49 19.82
C ALA E 112 2.91 -7.37 20.96
N ILE E 113 2.33 -6.18 21.13
CA ILE E 113 1.30 -6.03 22.16
C ILE E 113 0.06 -6.80 21.74
N HIS E 114 -0.16 -6.95 20.43
CA HIS E 114 -1.18 -7.86 19.92
C HIS E 114 -0.89 -9.29 20.35
N ALA E 115 0.39 -9.65 20.41
CA ALA E 115 0.81 -10.95 20.89
C ALA E 115 0.95 -10.99 22.41
N LYS E 116 0.40 -9.99 23.11
CA LYS E 116 0.42 -9.88 24.57
C LYS E 116 1.83 -9.86 25.14
N ARG E 117 2.80 -9.37 24.38
CA ARG E 117 4.17 -9.28 24.82
C ARG E 117 4.67 -7.84 24.72
N VAL E 118 5.77 -7.57 25.40
CA VAL E 118 6.38 -6.25 25.36
C VAL E 118 7.76 -6.24 24.71
N THR E 119 8.41 -7.39 24.56
CA THR E 119 9.71 -7.45 23.93
C THR E 119 9.52 -7.85 22.48
N ILE E 120 10.06 -7.06 21.57
CA ILE E 120 9.91 -7.36 20.15
C ILE E 120 10.90 -8.45 19.77
N MET E 121 10.50 -9.30 18.83
CA MET E 121 11.31 -10.38 18.29
C MET E 121 11.28 -10.28 16.78
N PRO E 122 12.29 -10.82 16.09
CA PRO E 122 12.33 -10.69 14.62
C PRO E 122 11.17 -11.37 13.91
N LYS E 123 10.51 -12.32 14.56
CA LYS E 123 9.26 -12.87 14.01
C LYS E 123 8.20 -11.81 13.84
N ASP E 124 8.14 -10.84 14.75
CA ASP E 124 7.22 -9.72 14.60
C ASP E 124 7.57 -8.91 13.36
N ILE E 125 8.86 -8.74 13.11
CA ILE E 125 9.32 -7.98 11.95
C ILE E 125 8.96 -8.71 10.67
N GLN E 126 9.14 -10.03 10.67
CA GLN E 126 8.75 -10.85 9.53
C GLN E 126 7.26 -10.78 9.29
N LEU E 127 6.47 -10.78 10.36
CA LEU E 127 5.02 -10.64 10.25
C LEU E 127 4.66 -9.31 9.62
N ALA E 128 5.28 -8.23 10.07
CA ALA E 128 4.97 -6.90 9.55
C ALA E 128 5.37 -6.79 8.09
N ARG E 129 6.53 -7.33 7.73
CA ARG E 129 6.98 -7.31 6.34
C ARG E 129 6.05 -8.11 5.45
N ARG E 130 5.59 -9.26 5.93
CA ARG E 130 4.73 -10.10 5.11
C ARG E 130 3.33 -9.50 4.95
N ILE E 131 2.81 -8.88 6.02
CA ILE E 131 1.50 -8.25 5.93
C ILE E 131 1.56 -7.02 5.05
N ARG E 132 2.66 -6.26 5.13
CA ARG E 132 2.85 -5.14 4.21
C ARG E 132 3.11 -5.60 2.78
N GLY E 133 3.37 -6.88 2.57
CA GLY E 133 3.60 -7.38 1.23
C GLY E 133 4.99 -7.11 0.70
N GLU E 134 5.98 -7.02 1.57
CA GLU E 134 7.34 -6.72 1.14
C GLU E 134 7.99 -7.95 0.55
N LYS F 21 40.65 0.26 -0.92
CA LYS F 21 39.82 1.11 -1.77
C LYS F 21 38.37 0.66 -1.65
N VAL F 22 38.15 -0.64 -1.78
CA VAL F 22 36.81 -1.19 -1.65
C VAL F 22 36.42 -1.29 -0.18
N LEU F 23 35.13 -1.49 0.05
CA LEU F 23 34.59 -1.61 1.40
C LEU F 23 33.96 -2.98 1.56
N ARG F 24 34.06 -3.52 2.75
CA ARG F 24 33.56 -4.87 2.97
C ARG F 24 32.58 -4.99 4.13
N ASP F 25 32.71 -4.15 5.17
CA ASP F 25 31.83 -4.21 6.33
C ASP F 25 31.50 -2.79 6.78
N ASN F 26 30.33 -2.31 6.36
CA ASN F 26 29.77 -1.09 6.93
C ASN F 26 28.37 -1.30 7.46
N ILE F 27 27.83 -2.51 7.37
CA ILE F 27 26.54 -2.81 7.97
C ILE F 27 26.64 -2.75 9.50
N GLN F 28 27.83 -2.99 10.05
CA GLN F 28 28.04 -2.80 11.47
C GLN F 28 28.18 -1.33 11.85
N GLY F 29 28.30 -0.44 10.87
CA GLY F 29 28.23 0.99 11.15
C GLY F 29 26.88 1.46 11.63
N ILE F 30 25.83 0.69 11.37
CA ILE F 30 24.53 0.92 11.99
C ILE F 30 24.58 0.20 13.33
N THR F 31 25.06 0.90 14.36
CA THR F 31 25.33 0.30 15.64
C THR F 31 24.03 -0.05 16.37
N LYS F 32 24.16 -0.99 17.31
CA LYS F 32 23.06 -1.36 18.18
C LYS F 32 22.45 -0.19 18.97
N PRO F 33 23.22 0.74 19.57
CA PRO F 33 22.55 1.89 20.20
C PRO F 33 21.77 2.78 19.24
N ALA F 34 22.22 2.93 17.98
CA ALA F 34 21.45 3.70 17.02
C ALA F 34 20.12 3.02 16.72
N ILE F 35 20.15 1.69 16.58
CA ILE F 35 18.93 0.92 16.39
C ILE F 35 18.02 1.05 17.59
N ARG F 36 18.61 1.06 18.79
CA ARG F 36 17.83 1.25 20.01
C ARG F 36 17.16 2.62 20.03
N ARG F 37 17.89 3.65 19.60
CA ARG F 37 17.32 4.99 19.50
C ARG F 37 16.15 5.02 18.53
N LEU F 38 16.30 4.34 17.40
CA LEU F 38 15.21 4.29 16.42
C LEU F 38 13.99 3.58 16.99
N ALA F 39 14.20 2.49 17.73
CA ALA F 39 13.08 1.78 18.32
C ALA F 39 12.41 2.58 19.43
N ARG F 40 13.17 3.40 20.14
CA ARG F 40 12.56 4.33 21.08
C ARG F 40 11.73 5.37 20.33
N ARG F 41 12.23 5.84 19.18
CA ARG F 41 11.39 6.66 18.32
C ARG F 41 10.22 5.88 17.77
N GLY F 42 10.40 4.58 17.56
CA GLY F 42 9.28 3.73 17.20
C GLY F 42 8.39 3.33 18.36
N GLY F 43 8.72 3.75 19.58
CA GLY F 43 7.92 3.41 20.73
C GLY F 43 8.17 2.04 21.30
N VAL F 44 9.25 1.38 20.90
CA VAL F 44 9.62 0.09 21.47
C VAL F 44 10.45 0.36 22.72
N LYS F 45 10.04 -0.23 23.84
CA LYS F 45 10.80 -0.02 25.07
C LYS F 45 11.76 -1.17 25.35
N ARG F 46 11.44 -2.38 24.88
CA ARG F 46 12.26 -3.55 25.16
C ARG F 46 12.59 -4.27 23.86
N ILE F 47 13.88 -4.49 23.63
CA ILE F 47 14.39 -4.96 22.35
C ILE F 47 15.19 -6.23 22.59
N SER F 48 14.83 -7.30 21.88
CA SER F 48 15.62 -8.53 21.97
C SER F 48 16.96 -8.36 21.27
N GLY F 49 17.90 -9.23 21.62
CA GLY F 49 19.21 -9.20 20.99
C GLY F 49 19.22 -9.69 19.56
N LEU F 50 18.26 -10.53 19.19
CA LEU F 50 18.16 -11.05 17.83
C LEU F 50 17.65 -10.01 16.85
N ILE F 51 17.16 -8.87 17.35
CA ILE F 51 16.55 -7.84 16.52
C ILE F 51 17.56 -7.23 15.56
N TYR F 52 18.75 -6.89 16.05
CA TYR F 52 19.58 -5.86 15.42
C TYR F 52 20.09 -6.29 14.05
N GLU F 53 20.61 -7.52 13.94
CA GLU F 53 21.18 -7.94 12.67
C GLU F 53 20.11 -8.20 11.62
N GLU F 54 18.97 -8.74 12.05
CA GLU F 54 17.85 -8.96 11.13
C GLU F 54 17.32 -7.64 10.60
N THR F 55 17.21 -6.64 11.47
CA THR F 55 16.82 -5.31 11.03
C THR F 55 17.88 -4.70 10.12
N ARG F 56 19.15 -4.99 10.38
CA ARG F 56 20.22 -4.57 9.47
C ARG F 56 20.01 -5.15 8.08
N GLY F 57 19.66 -6.44 8.02
CA GLY F 57 19.37 -7.06 6.73
C GLY F 57 18.18 -6.43 6.04
N VAL F 58 17.14 -6.11 6.82
CA VAL F 58 15.92 -5.52 6.26
C VAL F 58 16.22 -4.14 5.69
N LEU F 59 16.92 -3.31 6.46
CA LEU F 59 17.24 -1.96 6.00
C LEU F 59 18.18 -2.02 4.82
N LYS F 60 19.11 -2.98 4.83
CA LYS F 60 19.99 -3.17 3.68
C LYS F 60 19.19 -3.51 2.43
N VAL F 61 18.23 -4.43 2.55
CA VAL F 61 17.39 -4.84 1.43
C VAL F 61 16.66 -3.63 0.86
N PHE F 62 16.10 -2.80 1.74
CA PHE F 62 15.50 -1.54 1.34
C PHE F 62 16.52 -0.66 0.63
N LEU F 63 17.77 -0.69 1.07
CA LEU F 63 18.80 0.15 0.44
C LEU F 63 19.10 -0.28 -0.98
N GLU F 64 19.24 -1.58 -1.28
CA GLU F 64 19.48 -1.88 -2.70
C GLU F 64 18.21 -1.66 -3.51
N ASN F 65 17.04 -1.86 -2.88
CA ASN F 65 15.78 -1.60 -3.56
C ASN F 65 15.68 -0.16 -4.04
N VAL F 66 16.17 0.79 -3.24
CA VAL F 66 16.13 2.17 -3.69
C VAL F 66 17.34 2.50 -4.56
N ILE F 67 18.51 1.94 -4.26
CA ILE F 67 19.71 2.47 -4.88
C ILE F 67 19.90 1.89 -6.28
N ARG F 68 19.34 0.71 -6.55
CA ARG F 68 19.37 0.18 -7.91
C ARG F 68 18.62 1.09 -8.85
N ASP F 69 17.44 1.53 -8.42
CA ASP F 69 16.66 2.49 -9.18
C ASP F 69 17.41 3.82 -9.28
N ALA F 70 18.05 4.25 -8.19
CA ALA F 70 18.76 5.52 -8.19
C ALA F 70 19.92 5.50 -9.18
N VAL F 71 20.68 4.41 -9.19
CA VAL F 71 21.74 4.21 -10.16
C VAL F 71 21.18 4.19 -11.57
N THR F 72 20.01 3.57 -11.76
CA THR F 72 19.41 3.52 -13.08
C THR F 72 19.03 4.92 -13.58
N TYR F 73 18.45 5.73 -12.70
CA TYR F 73 18.20 7.13 -13.05
C TYR F 73 19.48 7.87 -13.35
N THR F 74 20.53 7.63 -12.56
CA THR F 74 21.78 8.38 -12.70
C THR F 74 22.46 8.07 -14.03
N GLU F 75 22.52 6.78 -14.38
CA GLU F 75 23.12 6.41 -15.66
C GLU F 75 22.23 6.83 -16.82
N HIS F 76 20.90 6.83 -16.61
CA HIS F 76 20.02 7.27 -17.68
C HIS F 76 20.12 8.77 -17.88
N ALA F 77 20.51 9.49 -16.83
CA ALA F 77 20.85 10.90 -16.97
C ALA F 77 22.23 11.11 -17.57
N LYS F 78 22.97 10.01 -17.83
CA LYS F 78 24.35 10.02 -18.29
C LYS F 78 25.28 10.74 -17.31
N ARG F 79 24.89 10.75 -16.03
CA ARG F 79 25.73 11.33 -14.98
C ARG F 79 26.47 10.22 -14.25
N LYS F 80 27.64 10.56 -13.73
CA LYS F 80 28.42 9.64 -12.93
C LYS F 80 28.22 9.89 -11.45
N THR F 81 27.71 11.07 -11.10
CA THR F 81 27.50 11.46 -9.71
C THR F 81 26.01 11.36 -9.39
N VAL F 82 25.70 10.73 -8.27
CA VAL F 82 24.32 10.55 -7.83
C VAL F 82 23.78 11.88 -7.32
N THR F 83 22.60 12.27 -7.80
CA THR F 83 21.93 13.48 -7.36
C THR F 83 20.64 13.14 -6.62
N ALA F 84 20.16 14.12 -5.85
CA ALA F 84 19.15 13.85 -4.82
C ALA F 84 17.75 13.68 -5.43
N MET F 85 17.44 14.42 -6.50
CA MET F 85 16.10 14.30 -7.07
C MET F 85 15.92 12.93 -7.71
N ASP F 86 17.02 12.28 -8.09
CA ASP F 86 16.95 10.89 -8.53
C ASP F 86 16.46 9.99 -7.40
N VAL F 87 16.96 10.23 -6.19
CA VAL F 87 16.48 9.52 -5.02
C VAL F 87 15.02 9.82 -4.77
N VAL F 88 14.61 11.08 -4.99
CA VAL F 88 13.21 11.46 -4.87
C VAL F 88 12.34 10.66 -5.84
N TYR F 89 12.80 10.54 -7.09
CA TYR F 89 12.06 9.79 -8.10
C TYR F 89 11.95 8.33 -7.69
N ALA F 90 13.04 7.74 -7.21
CA ALA F 90 13.05 6.33 -6.83
C ALA F 90 12.12 6.07 -5.65
N LEU F 91 12.12 6.97 -4.67
CA LEU F 91 11.26 6.78 -3.50
C LEU F 91 9.79 6.97 -3.84
N LYS F 92 9.43 7.93 -4.71
CA LYS F 92 8.02 8.04 -5.00
C LYS F 92 7.58 6.94 -5.95
N ARG F 93 8.53 6.36 -6.69
CA ARG F 93 8.23 5.15 -7.45
C ARG F 93 7.84 4.01 -6.51
N GLN F 94 8.54 3.88 -5.40
CA GLN F 94 8.20 2.87 -4.40
C GLN F 94 7.11 3.30 -3.45
N GLY F 95 6.37 4.36 -3.77
CA GLY F 95 5.30 4.81 -2.91
C GLY F 95 5.74 5.37 -1.59
N ARG F 96 6.96 5.91 -1.52
CA ARG F 96 7.55 6.39 -0.30
C ARG F 96 7.99 7.84 -0.48
N THR F 97 7.07 8.65 -0.99
CA THR F 97 7.36 9.99 -1.50
C THR F 97 7.91 10.90 -0.41
N LEU F 98 9.04 11.53 -0.71
CA LEU F 98 9.78 12.36 0.22
C LEU F 98 9.53 13.83 -0.09
N TYR F 99 9.23 14.60 0.94
CA TYR F 99 9.03 16.03 0.81
C TYR F 99 10.26 16.76 1.32
N GLY F 100 10.57 17.89 0.68
CA GLY F 100 11.66 18.73 1.12
C GLY F 100 12.89 18.67 0.24
N PHE F 101 12.90 17.88 -0.83
CA PHE F 101 14.09 17.71 -1.63
C PHE F 101 13.83 17.75 -3.12
N GLY F 102 12.56 17.84 -3.53
CA GLY F 102 12.25 17.92 -4.94
C GLY F 102 12.69 19.25 -5.54
N GLY F 103 13.48 19.15 -6.61
CA GLY F 103 14.01 20.33 -7.26
C GLY F 103 15.09 21.03 -6.45
N ALA G 28 6.63 1.91 -59.11
CA ALA G 28 6.18 3.17 -58.52
C ALA G 28 6.30 3.12 -57.01
N ARG G 29 5.68 2.12 -56.39
CA ARG G 29 5.73 1.95 -54.95
C ARG G 29 6.03 0.50 -54.63
N ALA G 30 6.90 0.28 -53.64
CA ALA G 30 7.22 -1.06 -53.20
C ALA G 30 6.04 -1.66 -52.44
N LYS G 31 6.05 -2.99 -52.33
CA LYS G 31 5.06 -3.67 -51.52
C LYS G 31 5.26 -3.31 -50.06
N ALA G 32 4.15 -3.05 -49.36
CA ALA G 32 4.24 -2.58 -47.98
C ALA G 32 4.67 -3.70 -47.05
N LYS G 33 5.70 -3.43 -46.26
CA LYS G 33 6.23 -4.38 -45.29
C LYS G 33 5.98 -3.79 -43.91
N THR G 34 5.37 -4.58 -43.04
CA THR G 34 5.03 -4.06 -41.72
C THR G 34 6.26 -4.04 -40.83
N ARG G 35 6.29 -3.09 -39.90
CA ARG G 35 7.43 -2.94 -39.01
C ARG G 35 7.52 -4.08 -38.02
N SER G 36 6.39 -4.71 -37.69
CA SER G 36 6.43 -5.92 -36.89
C SER G 36 7.11 -7.05 -37.65
N SER G 37 6.85 -7.15 -38.94
CA SER G 37 7.55 -8.13 -39.78
C SER G 37 9.01 -7.76 -39.93
N ARG G 38 9.31 -6.46 -40.05
CA ARG G 38 10.71 -6.03 -40.14
C ARG G 38 11.47 -6.38 -38.88
N ALA G 39 10.82 -6.22 -37.73
CA ALA G 39 11.36 -6.78 -36.50
C ALA G 39 11.19 -8.29 -36.42
N GLY G 40 10.22 -8.84 -37.14
CA GLY G 40 9.94 -10.26 -37.00
C GLY G 40 9.33 -10.61 -35.67
N LEU G 41 8.54 -9.72 -35.08
CA LEU G 41 7.86 -9.99 -33.84
C LEU G 41 6.35 -9.86 -34.08
N GLN G 42 5.55 -10.52 -33.26
CA GLN G 42 4.13 -10.65 -33.57
C GLN G 42 3.30 -9.44 -33.15
N PHE G 43 3.70 -8.71 -32.12
CA PHE G 43 2.90 -7.57 -31.68
C PHE G 43 2.97 -6.43 -32.70
N PRO G 44 1.84 -5.72 -32.89
CA PRO G 44 1.78 -4.66 -33.91
C PRO G 44 2.60 -3.44 -33.51
N VAL G 45 3.64 -3.16 -34.30
CA VAL G 45 4.45 -1.97 -34.06
C VAL G 45 3.64 -0.71 -34.35
N GLY G 46 2.90 -0.71 -35.46
CA GLY G 46 2.15 0.48 -35.85
C GLY G 46 1.06 0.84 -34.85
N ARG G 47 0.37 -0.17 -34.33
CA ARG G 47 -0.67 0.07 -33.33
C ARG G 47 -0.08 0.65 -32.04
N VAL G 48 1.05 0.11 -31.58
CA VAL G 48 1.66 0.57 -30.34
C VAL G 48 2.21 1.98 -30.53
N HIS G 49 2.80 2.26 -31.70
CA HIS G 49 3.28 3.60 -32.00
C HIS G 49 2.12 4.60 -32.04
N ARG G 50 1.00 4.20 -32.65
CA ARG G 50 -0.18 5.06 -32.66
C ARG G 50 -0.71 5.30 -31.26
N LEU G 51 -0.71 4.27 -30.41
CA LEU G 51 -1.16 4.43 -29.04
C LEU G 51 -0.27 5.38 -28.26
N LEU G 52 1.05 5.28 -28.45
CA LEU G 52 1.96 6.18 -27.76
C LEU G 52 1.85 7.60 -28.30
N ARG G 53 1.54 7.73 -29.60
CA ARG G 53 1.29 9.06 -30.15
C ARG G 53 0.04 9.68 -29.56
N LYS G 54 -1.00 8.89 -29.36
CA LYS G 54 -2.25 9.42 -28.84
C LYS G 54 -2.40 9.20 -27.33
N GLY G 55 -1.37 8.69 -26.67
CA GLY G 55 -1.43 8.49 -25.23
C GLY G 55 -0.83 9.58 -24.38
N ASN G 56 -0.38 10.67 -24.99
CA ASN G 56 0.15 11.86 -24.31
C ASN G 56 1.36 11.53 -23.43
N TYR G 57 2.38 10.90 -24.01
CA TYR G 57 3.58 10.61 -23.24
C TYR G 57 4.78 11.43 -23.68
N SER G 58 4.88 11.74 -24.97
CA SER G 58 5.89 12.66 -25.46
C SER G 58 5.39 13.26 -26.75
N GLU G 59 5.98 14.40 -27.12
CA GLU G 59 5.64 15.01 -28.41
C GLU G 59 6.23 14.22 -29.57
N ARG G 60 7.37 13.56 -29.36
CA ARG G 60 8.02 12.75 -30.36
C ARG G 60 8.42 11.43 -29.74
N VAL G 61 8.42 10.37 -30.54
CA VAL G 61 8.81 9.05 -30.08
C VAL G 61 9.89 8.53 -31.02
N GLY G 62 11.00 8.05 -30.45
CA GLY G 62 11.99 7.38 -31.24
C GLY G 62 11.44 6.11 -31.88
N ALA G 63 11.95 5.83 -33.08
CA ALA G 63 11.37 4.77 -33.90
C ALA G 63 11.55 3.39 -33.25
N GLY G 64 12.69 3.16 -32.63
CA GLY G 64 12.93 1.88 -32.01
C GLY G 64 12.24 1.67 -30.68
N ALA G 65 11.71 2.75 -30.08
CA ALA G 65 11.06 2.61 -28.78
C ALA G 65 9.80 1.75 -28.80
N PRO G 66 8.81 1.93 -29.71
CA PRO G 66 7.67 1.01 -29.68
C PRO G 66 8.05 -0.39 -30.09
N VAL G 67 9.09 -0.54 -30.91
CA VAL G 67 9.58 -1.86 -31.28
C VAL G 67 10.13 -2.56 -30.04
N TYR G 68 10.90 -1.82 -29.25
CA TYR G 68 11.46 -2.35 -28.01
C TYR G 68 10.34 -2.73 -27.05
N LEU G 69 9.30 -1.88 -27.01
CA LEU G 69 8.14 -2.14 -26.17
C LEU G 69 7.41 -3.40 -26.61
N ALA G 70 7.20 -3.56 -27.91
CA ALA G 70 6.52 -4.74 -28.42
C ALA G 70 7.33 -5.99 -28.15
N ALA G 71 8.66 -5.87 -28.27
CA ALA G 71 9.53 -7.02 -28.02
C ALA G 71 9.47 -7.46 -26.56
N VAL G 72 9.56 -6.50 -25.62
CA VAL G 72 9.54 -6.90 -24.22
C VAL G 72 8.16 -7.40 -23.81
N LEU G 73 7.10 -6.82 -24.40
CA LEU G 73 5.75 -7.32 -24.16
C LEU G 73 5.59 -8.74 -24.68
N GLU G 74 6.11 -9.02 -25.87
CA GLU G 74 5.94 -10.36 -26.40
C GLU G 74 6.80 -11.36 -25.65
N TYR G 75 7.95 -10.94 -25.13
CA TYR G 75 8.73 -11.80 -24.26
C TYR G 75 7.96 -12.17 -22.99
N LEU G 76 7.38 -11.17 -22.33
CA LEU G 76 6.71 -11.45 -21.06
C LEU G 76 5.42 -12.25 -21.28
N THR G 77 4.67 -11.92 -22.32
CA THR G 77 3.50 -12.71 -22.64
C THR G 77 3.86 -14.12 -23.04
N ALA G 78 4.98 -14.29 -23.75
CA ALA G 78 5.43 -15.62 -24.12
C ALA G 78 5.77 -16.44 -22.89
N GLU G 79 6.48 -15.85 -21.93
CA GLU G 79 6.88 -16.61 -20.76
C GLU G 79 5.68 -16.95 -19.87
N ILE G 80 4.73 -16.02 -19.74
CA ILE G 80 3.56 -16.34 -18.94
C ILE G 80 2.67 -17.34 -19.67
N LEU G 81 2.74 -17.36 -21.00
CA LEU G 81 2.01 -18.38 -21.75
C LEU G 81 2.66 -19.74 -21.63
N GLU G 82 4.00 -19.80 -21.54
CA GLU G 82 4.65 -21.06 -21.18
C GLU G 82 4.20 -21.54 -19.82
N LEU G 83 4.14 -20.64 -18.85
CA LEU G 83 3.71 -21.01 -17.51
C LEU G 83 2.26 -21.48 -17.52
N ALA G 84 1.40 -20.80 -18.27
CA ALA G 84 -0.01 -21.19 -18.36
C ALA G 84 -0.17 -22.53 -19.06
N GLY G 85 0.61 -22.77 -20.12
CA GLY G 85 0.53 -24.04 -20.81
C GLY G 85 1.01 -25.19 -19.97
N ASN G 86 2.07 -24.96 -19.19
CA ASN G 86 2.54 -25.97 -18.26
C ASN G 86 1.50 -26.25 -17.18
N ALA G 87 0.85 -25.19 -16.69
CA ALA G 87 -0.19 -25.36 -15.68
C ALA G 87 -1.37 -26.15 -16.22
N ALA G 88 -1.78 -25.85 -17.46
CA ALA G 88 -2.90 -26.55 -18.07
C ALA G 88 -2.55 -28.01 -18.35
N ARG G 89 -1.32 -28.27 -18.79
CA ARG G 89 -0.90 -29.63 -19.05
C ARG G 89 -0.78 -30.42 -17.75
N ASP G 90 -0.37 -29.77 -16.66
CA ASP G 90 -0.40 -30.41 -15.36
C ASP G 90 -1.82 -30.68 -14.90
N ASN G 91 -2.76 -29.82 -15.27
CA ASN G 91 -4.16 -30.05 -14.98
C ASN G 91 -4.86 -30.86 -16.06
N LYS G 92 -4.11 -31.32 -17.07
CA LYS G 92 -4.61 -32.18 -18.15
C LYS G 92 -5.69 -31.48 -18.97
N LYS G 93 -5.55 -30.16 -19.14
CA LYS G 93 -6.51 -29.38 -19.91
C LYS G 93 -5.83 -28.81 -21.14
N THR G 94 -6.54 -28.84 -22.25
CA THR G 94 -6.00 -28.31 -23.49
C THR G 94 -6.00 -26.80 -23.54
N ARG G 95 -7.00 -26.16 -22.92
CA ARG G 95 -7.16 -24.72 -23.00
C ARG G 95 -6.89 -24.09 -21.63
N ILE G 96 -6.16 -22.98 -21.64
CA ILE G 96 -5.79 -22.32 -20.40
C ILE G 96 -7.00 -21.62 -19.80
N ILE G 97 -7.07 -21.60 -18.48
CA ILE G 97 -8.19 -20.99 -17.76
C ILE G 97 -7.61 -20.00 -16.76
N PRO G 98 -8.42 -19.07 -16.23
CA PRO G 98 -7.89 -18.14 -15.21
C PRO G 98 -7.33 -18.79 -13.96
N ARG G 99 -7.79 -20.00 -13.59
CA ARG G 99 -7.16 -20.71 -12.48
C ARG G 99 -5.71 -21.06 -12.80
N HIS G 100 -5.46 -21.48 -14.04
CA HIS G 100 -4.09 -21.70 -14.50
C HIS G 100 -3.28 -20.41 -14.42
N LEU G 101 -3.92 -19.29 -14.77
CA LEU G 101 -3.25 -18.00 -14.71
C LEU G 101 -2.86 -17.63 -13.29
N GLN G 102 -3.77 -17.88 -12.34
CA GLN G 102 -3.49 -17.67 -10.91
C GLN G 102 -2.31 -18.53 -10.45
N LEU G 103 -2.36 -19.83 -10.76
CA LEU G 103 -1.33 -20.75 -10.31
C LEU G 103 0.02 -20.40 -10.94
N ALA G 104 0.00 -19.95 -12.19
CA ALA G 104 1.23 -19.57 -12.86
C ALA G 104 1.81 -18.28 -12.30
N ILE G 105 0.96 -17.28 -12.07
CA ILE G 105 1.47 -15.95 -11.72
C ILE G 105 1.88 -15.91 -10.26
N ARG G 106 1.33 -16.80 -9.42
CA ARG G 106 1.68 -16.75 -8.02
C ARG G 106 2.92 -17.57 -7.70
N ASN G 107 3.26 -18.54 -8.54
CA ASN G 107 4.41 -19.39 -8.26
C ASN G 107 5.70 -18.90 -8.92
N ASP G 108 5.67 -17.76 -9.60
CA ASP G 108 6.90 -17.13 -10.08
C ASP G 108 7.11 -15.83 -9.32
N GLU G 109 8.19 -15.78 -8.53
CA GLU G 109 8.36 -14.75 -7.52
C GLU G 109 8.50 -13.36 -8.14
N GLU G 110 9.27 -13.25 -9.22
CA GLU G 110 9.36 -11.99 -9.94
C GLU G 110 8.00 -11.57 -10.49
N LEU G 111 7.28 -12.52 -11.08
CA LEU G 111 5.91 -12.24 -11.51
C LEU G 111 4.99 -12.04 -10.33
N ASN G 112 5.23 -12.76 -9.23
CA ASN G 112 4.36 -12.65 -8.06
C ASN G 112 4.39 -11.25 -7.47
N LYS G 113 5.57 -10.72 -7.21
CA LYS G 113 5.64 -9.38 -6.65
C LYS G 113 5.50 -8.33 -7.73
N LEU G 114 5.65 -8.73 -9.00
CA LEU G 114 5.27 -7.85 -10.10
C LEU G 114 3.77 -7.58 -10.08
N LEU G 115 2.98 -8.60 -9.77
CA LEU G 115 1.52 -8.47 -9.70
C LEU G 115 0.98 -8.89 -8.34
N GLY G 116 1.63 -8.45 -7.27
CA GLY G 116 1.10 -8.69 -5.94
C GLY G 116 -0.19 -7.96 -5.69
N ARG G 117 -0.32 -6.75 -6.25
CA ARG G 117 -1.50 -5.92 -6.06
C ARG G 117 -2.45 -6.01 -7.24
N VAL G 118 -2.21 -6.92 -8.17
CA VAL G 118 -3.02 -7.08 -9.37
C VAL G 118 -3.85 -8.35 -9.23
N THR G 119 -5.14 -8.23 -9.49
CA THR G 119 -6.10 -9.28 -9.15
C THR G 119 -6.66 -9.90 -10.43
N ILE G 120 -6.87 -11.22 -10.39
CA ILE G 120 -7.32 -12.00 -11.55
C ILE G 120 -8.76 -12.42 -11.32
N ALA G 121 -9.60 -12.22 -12.33
CA ALA G 121 -10.99 -12.65 -12.25
C ALA G 121 -11.09 -14.16 -12.20
N GLN G 122 -11.84 -14.66 -11.20
CA GLN G 122 -12.11 -16.07 -10.99
C GLN G 122 -10.82 -16.89 -10.81
N GLY G 123 -9.77 -16.26 -10.30
CA GLY G 123 -8.49 -16.93 -10.18
C GLY G 123 -8.42 -17.87 -9.00
N GLY G 124 -9.18 -17.56 -7.96
CA GLY G 124 -9.02 -18.34 -6.75
C GLY G 124 -7.73 -17.94 -6.04
N VAL G 125 -7.22 -18.88 -5.24
CA VAL G 125 -6.01 -18.66 -4.47
C VAL G 125 -5.11 -19.87 -4.61
N LEU G 126 -3.87 -19.70 -4.17
CA LEU G 126 -2.95 -20.84 -4.09
C LEU G 126 -3.43 -21.83 -3.04
N PRO G 127 -3.25 -23.13 -3.27
CA PRO G 127 -3.42 -24.11 -2.19
C PRO G 127 -2.33 -23.88 -1.15
N ASN G 128 -2.72 -23.37 0.02
CA ASN G 128 -1.73 -23.01 1.03
C ASN G 128 -2.37 -23.16 2.39
N ILE G 129 -1.77 -23.98 3.25
CA ILE G 129 -2.25 -24.24 4.60
C ILE G 129 -1.08 -24.05 5.54
N GLN G 130 -1.30 -23.28 6.61
CA GLN G 130 -0.24 -23.09 7.60
C GLN G 130 0.00 -24.38 8.38
N ALA G 131 1.20 -24.48 8.94
CA ALA G 131 1.67 -25.74 9.50
C ALA G 131 0.86 -26.19 10.70
N VAL G 132 0.53 -25.27 11.62
CA VAL G 132 -0.17 -25.66 12.83
C VAL G 132 -1.63 -25.98 12.54
N LEU G 133 -2.15 -25.58 11.38
CA LEU G 133 -3.50 -25.95 10.98
C LEU G 133 -3.64 -27.44 10.75
N LEU G 134 -2.56 -28.12 10.39
CA LEU G 134 -2.59 -29.55 10.23
C LEU G 134 -2.68 -30.24 11.59
N PRO G 135 -3.29 -31.43 11.66
CA PRO G 135 -3.38 -32.14 12.93
C PRO G 135 -2.03 -32.65 13.39
N LYS G 136 -2.01 -33.09 14.66
CA LYS G 136 -0.81 -33.54 15.36
C LYS G 136 0.32 -32.52 15.34
N LYS H 31 -25.33 -2.47 -37.29
CA LYS H 31 -24.05 -1.78 -37.42
C LYS H 31 -23.37 -1.61 -36.07
N ARG H 32 -22.10 -1.97 -36.00
CA ARG H 32 -21.31 -1.87 -34.78
C ARG H 32 -20.07 -1.02 -35.03
N SER H 33 -19.33 -0.77 -33.95
CA SER H 33 -18.09 -0.01 -34.02
C SER H 33 -16.91 -0.95 -33.74
N ARG H 34 -15.83 -0.77 -34.48
CA ARG H 34 -14.66 -1.61 -34.32
C ARG H 34 -13.97 -1.34 -32.99
N LYS H 35 -13.63 -2.40 -32.28
CA LYS H 35 -13.03 -2.31 -30.96
C LYS H 35 -11.69 -3.03 -30.99
N GLU H 36 -10.66 -2.40 -30.42
CA GLU H 36 -9.32 -2.97 -30.43
C GLU H 36 -9.16 -4.03 -29.36
N SER H 37 -8.45 -5.10 -29.71
CA SER H 37 -8.05 -6.11 -28.74
C SER H 37 -6.76 -6.73 -29.22
N TYR H 38 -6.07 -7.43 -28.32
CA TYR H 38 -4.80 -8.06 -28.65
C TYR H 38 -4.90 -9.56 -28.82
N SER H 39 -6.07 -10.09 -29.21
CA SER H 39 -6.29 -11.52 -29.20
C SER H 39 -5.43 -12.24 -30.22
N VAL H 40 -5.37 -11.75 -31.45
CA VAL H 40 -4.79 -12.53 -32.53
C VAL H 40 -3.28 -12.62 -32.40
N TYR H 41 -2.63 -11.58 -31.90
CA TYR H 41 -1.17 -11.63 -31.75
C TYR H 41 -0.77 -12.59 -30.65
N VAL H 42 -1.54 -12.57 -29.56
CA VAL H 42 -1.34 -13.53 -28.47
C VAL H 42 -1.62 -14.94 -28.95
N TYR H 43 -2.54 -15.09 -29.92
CA TYR H 43 -2.81 -16.41 -30.47
C TYR H 43 -1.63 -16.92 -31.30
N LYS H 44 -1.02 -16.05 -32.11
CA LYS H 44 0.21 -16.46 -32.80
C LYS H 44 1.31 -16.81 -31.81
N VAL H 45 1.45 -16.01 -30.75
CA VAL H 45 2.48 -16.28 -29.75
C VAL H 45 2.22 -17.61 -29.05
N LEU H 46 0.95 -17.89 -28.74
CA LEU H 46 0.59 -19.12 -28.05
C LEU H 46 0.88 -20.34 -28.92
N LYS H 47 0.50 -20.30 -30.20
CA LYS H 47 0.81 -21.43 -31.06
C LYS H 47 2.29 -21.50 -31.40
N GLN H 48 3.02 -20.38 -31.30
CA GLN H 48 4.47 -20.44 -31.40
C GLN H 48 5.07 -21.18 -30.22
N VAL H 49 4.55 -20.95 -29.02
CA VAL H 49 5.17 -21.53 -27.84
C VAL H 49 4.53 -22.86 -27.49
N HIS H 50 3.26 -23.05 -27.85
CA HIS H 50 2.53 -24.27 -27.53
C HIS H 50 1.50 -24.49 -28.62
N PRO H 51 1.86 -25.23 -29.68
CA PRO H 51 0.88 -25.53 -30.74
C PRO H 51 -0.29 -26.35 -30.25
N ASP H 52 -0.08 -27.15 -29.21
CA ASP H 52 -1.06 -28.10 -28.71
C ASP H 52 -2.01 -27.50 -27.68
N THR H 53 -1.79 -26.27 -27.25
CA THR H 53 -2.51 -25.70 -26.13
C THR H 53 -3.53 -24.67 -26.60
N GLY H 54 -4.76 -24.81 -26.12
CA GLY H 54 -5.82 -23.89 -26.42
C GLY H 54 -5.85 -22.70 -25.48
N ILE H 55 -7.00 -22.03 -25.46
CA ILE H 55 -7.17 -20.81 -24.66
C ILE H 55 -8.65 -20.59 -24.44
N SER H 56 -9.00 -20.09 -23.25
CA SER H 56 -10.34 -19.60 -22.99
C SER H 56 -10.38 -18.09 -23.21
N SER H 57 -11.56 -17.59 -23.60
CA SER H 57 -11.66 -16.20 -24.02
C SER H 57 -11.55 -15.24 -22.84
N LYS H 58 -12.00 -15.66 -21.66
CA LYS H 58 -11.86 -14.80 -20.48
C LYS H 58 -10.41 -14.76 -20.01
N ALA H 59 -9.66 -15.83 -20.24
CA ALA H 59 -8.22 -15.76 -20.07
C ALA H 59 -7.61 -14.75 -21.04
N MET H 60 -8.18 -14.65 -22.25
CA MET H 60 -7.72 -13.61 -23.17
C MET H 60 -8.12 -12.21 -22.69
N GLY H 61 -9.27 -12.06 -22.06
CA GLY H 61 -9.60 -10.78 -21.45
C GLY H 61 -8.62 -10.40 -20.36
N ILE H 62 -8.18 -11.38 -19.58
CA ILE H 62 -7.15 -11.14 -18.56
C ILE H 62 -5.83 -10.75 -19.22
N MET H 63 -5.46 -11.42 -20.31
CA MET H 63 -4.29 -11.01 -21.09
C MET H 63 -4.43 -9.62 -21.68
N ASN H 64 -5.64 -9.22 -22.10
CA ASN H 64 -5.82 -7.90 -22.65
C ASN H 64 -5.63 -6.83 -21.58
N SER H 65 -6.19 -7.09 -20.38
CA SER H 65 -5.93 -6.23 -19.24
C SER H 65 -4.44 -6.21 -18.89
N PHE H 66 -3.78 -7.36 -19.03
CA PHE H 66 -2.35 -7.46 -18.77
C PHE H 66 -1.54 -6.57 -19.70
N VAL H 67 -1.77 -6.72 -21.01
CA VAL H 67 -0.94 -5.98 -21.97
C VAL H 67 -1.24 -4.50 -21.90
N ASN H 68 -2.51 -4.13 -21.69
CA ASN H 68 -2.85 -2.72 -21.55
C ASN H 68 -2.24 -2.12 -20.30
N ASP H 69 -2.27 -2.86 -19.18
CA ASP H 69 -1.73 -2.35 -17.93
C ASP H 69 -0.22 -2.18 -17.98
N ILE H 70 0.48 -3.19 -18.51
CA ILE H 70 1.93 -3.10 -18.57
C ILE H 70 2.37 -2.06 -19.58
N PHE H 71 1.65 -1.95 -20.70
CA PHE H 71 1.90 -0.89 -21.66
C PHE H 71 1.74 0.48 -21.03
N GLU H 72 0.70 0.65 -20.23
CA GLU H 72 0.46 1.92 -19.57
C GLU H 72 1.54 2.23 -18.54
N ARG H 73 1.98 1.20 -17.80
CA ARG H 73 3.03 1.39 -16.80
C ARG H 73 4.33 1.85 -17.46
N ILE H 74 4.75 1.14 -18.53
CA ILE H 74 5.98 1.49 -19.21
C ILE H 74 5.87 2.86 -19.85
N ALA H 75 4.71 3.17 -20.43
CA ALA H 75 4.53 4.47 -21.07
C ALA H 75 4.57 5.61 -20.07
N GLY H 76 3.94 5.43 -18.90
CA GLY H 76 3.98 6.47 -17.88
C GLY H 76 5.36 6.66 -17.30
N GLU H 77 6.08 5.56 -17.07
CA GLU H 77 7.46 5.66 -16.61
C GLU H 77 8.33 6.34 -17.65
N ALA H 78 8.14 6.02 -18.92
CA ALA H 78 8.91 6.65 -19.98
C ALA H 78 8.63 8.14 -20.06
N SER H 79 7.36 8.53 -19.92
CA SER H 79 7.01 9.94 -19.96
C SER H 79 7.62 10.70 -18.78
N ARG H 80 7.57 10.11 -17.58
CA ARG H 80 8.12 10.82 -16.43
C ARG H 80 9.64 10.89 -16.50
N LEU H 81 10.29 9.83 -16.98
CA LEU H 81 11.72 9.87 -17.22
C LEU H 81 12.09 10.91 -18.27
N ALA H 82 11.28 11.03 -19.33
CA ALA H 82 11.53 12.02 -20.36
C ALA H 82 11.38 13.43 -19.81
N HIS H 83 10.47 13.60 -18.85
CA HIS H 83 10.37 14.89 -18.16
C HIS H 83 11.56 15.15 -17.26
N TYR H 84 12.10 14.10 -16.64
CA TYR H 84 13.16 14.28 -15.65
C TYR H 84 14.44 14.81 -16.29
N ASN H 85 14.80 14.31 -17.45
CA ASN H 85 15.96 14.82 -18.17
C ASN H 85 15.57 15.89 -19.18
N LYS H 86 14.30 16.31 -19.18
CA LYS H 86 13.77 17.34 -20.08
C LYS H 86 13.90 16.94 -21.54
N ARG H 87 13.85 15.64 -21.80
CA ARG H 87 13.95 15.10 -23.15
C ARG H 87 12.55 14.98 -23.73
N SER H 88 12.30 15.70 -24.82
CA SER H 88 10.95 15.72 -25.38
C SER H 88 10.67 14.52 -26.28
N THR H 89 11.64 13.65 -26.48
CA THR H 89 11.48 12.47 -27.31
C THR H 89 11.85 11.23 -26.50
N ILE H 90 10.97 10.24 -26.52
CA ILE H 90 11.22 8.97 -25.84
C ILE H 90 11.80 7.99 -26.83
N THR H 91 13.00 7.49 -26.54
CA THR H 91 13.66 6.49 -27.38
C THR H 91 13.70 5.16 -26.67
N SER H 92 14.27 4.17 -27.36
CA SER H 92 14.40 2.84 -26.80
C SER H 92 15.32 2.79 -25.60
N ARG H 93 16.23 3.76 -25.48
CA ARG H 93 17.01 3.91 -24.26
C ARG H 93 16.09 4.19 -23.07
N GLU H 94 15.10 5.06 -23.27
CA GLU H 94 14.16 5.39 -22.21
C GLU H 94 13.31 4.18 -21.85
N ILE H 95 12.87 3.43 -22.87
CA ILE H 95 12.04 2.26 -22.61
C ILE H 95 12.86 1.20 -21.90
N GLN H 96 14.13 1.08 -22.27
CA GLN H 96 15.06 0.16 -21.60
C GLN H 96 15.23 0.53 -20.15
N THR H 97 15.40 1.83 -19.88
CA THR H 97 15.49 2.31 -18.51
C THR H 97 14.23 1.97 -17.72
N ALA H 98 13.07 2.20 -18.34
CA ALA H 98 11.80 1.97 -17.66
C ALA H 98 11.58 0.50 -17.34
N VAL H 99 11.89 -0.38 -18.30
CA VAL H 99 11.68 -1.81 -18.07
C VAL H 99 12.70 -2.33 -17.08
N ARG H 100 13.90 -1.74 -17.05
CA ARG H 100 14.86 -2.09 -16.02
C ARG H 100 14.36 -1.66 -14.64
N LEU H 101 13.67 -0.52 -14.58
CA LEU H 101 13.08 -0.10 -13.31
C LEU H 101 11.96 -1.04 -12.88
N LEU H 102 11.01 -1.32 -13.76
CA LEU H 102 9.81 -2.03 -13.31
C LEU H 102 10.02 -3.53 -13.30
N LEU H 103 10.56 -4.07 -14.37
CA LEU H 103 10.75 -5.51 -14.40
C LEU H 103 11.97 -5.89 -13.59
N PRO H 104 11.86 -6.88 -12.70
CA PRO H 104 13.01 -7.26 -11.87
C PRO H 104 13.94 -8.25 -12.57
N GLY H 105 15.22 -7.89 -12.64
CA GLY H 105 16.33 -8.82 -12.79
C GLY H 105 16.33 -9.76 -13.96
N GLU H 106 16.00 -11.03 -13.68
CA GLU H 106 15.97 -12.08 -14.68
C GLU H 106 15.01 -11.75 -15.81
N LEU H 107 13.78 -11.38 -15.46
CA LEU H 107 12.83 -10.91 -16.46
C LEU H 107 13.36 -9.65 -17.14
N ALA H 108 13.97 -8.77 -16.36
CA ALA H 108 14.54 -7.54 -16.91
C ALA H 108 15.66 -7.82 -17.89
N LYS H 109 16.61 -8.69 -17.53
CA LYS H 109 17.75 -8.91 -18.40
C LYS H 109 17.35 -9.65 -19.67
N HIS H 110 16.42 -10.61 -19.56
CA HIS H 110 15.99 -11.27 -20.79
C HIS H 110 15.14 -10.38 -21.67
N ALA H 111 14.29 -9.53 -21.08
CA ALA H 111 13.54 -8.56 -21.87
C ALA H 111 14.49 -7.57 -22.55
N VAL H 112 15.53 -7.15 -21.85
CA VAL H 112 16.55 -6.27 -22.43
C VAL H 112 17.23 -6.95 -23.61
N SER H 113 17.55 -8.23 -23.45
CA SER H 113 18.20 -8.97 -24.54
C SER H 113 17.28 -9.09 -25.75
N GLU H 114 16.01 -9.43 -25.52
CA GLU H 114 15.06 -9.59 -26.61
C GLU H 114 14.83 -8.28 -27.34
N GLY H 115 14.64 -7.20 -26.59
CA GLY H 115 14.43 -5.91 -27.20
C GLY H 115 15.66 -5.40 -27.93
N THR H 116 16.85 -5.71 -27.38
CA THR H 116 18.09 -5.31 -28.04
C THR H 116 18.26 -6.03 -29.36
N LYS H 117 17.97 -7.33 -29.39
CA LYS H 117 18.03 -8.08 -30.64
C LYS H 117 17.00 -7.54 -31.63
N ALA H 118 15.81 -7.22 -31.14
CA ALA H 118 14.75 -6.75 -32.01
C ALA H 118 15.09 -5.40 -32.63
N VAL H 119 15.60 -4.47 -31.81
CA VAL H 119 15.95 -3.16 -32.34
C VAL H 119 17.18 -3.25 -33.23
N THR H 120 18.05 -4.23 -32.97
CA THR H 120 19.22 -4.42 -33.82
C THR H 120 18.80 -4.93 -35.20
N LYS H 121 17.94 -5.94 -35.24
CA LYS H 121 17.53 -6.49 -36.53
C LYS H 121 16.59 -5.53 -37.25
N TYR H 122 15.91 -4.65 -36.51
CA TYR H 122 15.16 -3.60 -37.16
C TYR H 122 16.13 -2.57 -37.76
N THR H 123 17.22 -2.31 -37.04
CA THR H 123 18.22 -1.36 -37.52
C THR H 123 18.87 -1.86 -38.81
N SER H 124 19.12 -3.17 -38.88
CA SER H 124 19.56 -3.77 -40.13
C SER H 124 18.50 -3.74 -41.22
N ALA H 125 17.24 -3.59 -40.85
CA ALA H 125 16.17 -3.47 -41.84
C ALA H 125 15.90 -2.00 -42.17
N SER K 35 -12.60 -11.88 60.98
CA SER K 35 -11.39 -12.68 61.15
C SER K 35 -11.63 -14.12 60.75
N GLY K 36 -12.07 -14.94 61.70
CA GLY K 36 -12.35 -16.33 61.45
C GLY K 36 -11.10 -17.17 61.35
N PRO K 37 -11.23 -18.40 60.85
CA PRO K 37 -10.07 -19.27 60.71
C PRO K 37 -9.16 -18.81 59.58
N PRO K 38 -7.91 -19.24 59.56
CA PRO K 38 -7.03 -18.91 58.44
C PRO K 38 -7.46 -19.60 57.14
N VAL K 39 -6.70 -19.32 56.08
CA VAL K 39 -7.07 -19.80 54.75
C VAL K 39 -6.84 -21.30 54.62
N SER K 40 -6.07 -21.90 55.54
CA SER K 40 -5.70 -23.31 55.41
C SER K 40 -6.90 -24.24 55.55
N GLU K 41 -7.81 -23.93 56.48
CA GLU K 41 -9.03 -24.71 56.61
C GLU K 41 -9.90 -24.57 55.36
N LEU K 42 -9.90 -23.37 54.76
CA LEU K 42 -10.62 -23.16 53.51
C LEU K 42 -10.02 -24.01 52.39
N ILE K 43 -8.69 -24.10 52.30
CA ILE K 43 -8.05 -24.89 51.26
C ILE K 43 -8.31 -26.38 51.45
N THR K 44 -8.23 -26.86 52.70
CA THR K 44 -8.44 -28.29 52.91
C THR K 44 -9.91 -28.66 52.75
N LYS K 45 -10.82 -27.72 53.03
CA LYS K 45 -12.23 -27.95 52.74
C LYS K 45 -12.47 -27.99 51.23
N ALA K 46 -11.76 -27.13 50.49
CA ALA K 46 -11.88 -27.12 49.03
C ALA K 46 -11.36 -28.43 48.42
N VAL K 47 -10.26 -28.97 48.97
CA VAL K 47 -9.72 -30.20 48.40
C VAL K 47 -10.54 -31.41 48.86
N ALA K 48 -11.21 -31.30 50.01
CA ALA K 48 -12.05 -32.40 50.48
C ALA K 48 -13.48 -32.32 49.94
N ALA K 49 -13.85 -31.22 49.28
CA ALA K 49 -15.23 -31.05 48.82
C ALA K 49 -15.60 -32.00 47.70
N SER K 50 -14.71 -32.18 46.72
CA SER K 50 -15.13 -32.83 45.47
C SER K 50 -14.54 -34.22 45.30
N LYS K 51 -13.22 -34.35 45.44
CA LYS K 51 -12.49 -35.62 45.38
C LYS K 51 -12.73 -36.32 44.03
N GLU K 52 -12.19 -35.70 42.98
CA GLU K 52 -12.16 -36.36 41.69
C GLU K 52 -11.02 -37.36 41.63
N ARG K 53 -10.90 -38.05 40.49
CA ARG K 53 -9.75 -38.91 40.25
C ARG K 53 -8.46 -38.09 40.21
N SER K 54 -8.51 -36.93 39.57
CA SER K 54 -7.42 -35.97 39.62
C SER K 54 -7.65 -34.99 40.76
N GLY K 55 -6.59 -34.28 41.13
CA GLY K 55 -6.67 -33.32 42.22
C GLY K 55 -7.43 -32.06 41.85
N VAL K 56 -7.85 -31.29 42.86
CA VAL K 56 -8.53 -30.03 42.60
C VAL K 56 -7.51 -29.01 42.13
N SER K 57 -7.94 -28.12 41.23
CA SER K 57 -6.99 -27.19 40.66
C SER K 57 -7.03 -25.85 41.39
N LEU K 58 -6.10 -24.97 40.99
CA LEU K 58 -6.03 -23.63 41.56
C LEU K 58 -7.28 -22.82 41.28
N ALA K 59 -7.73 -22.79 40.02
CA ALA K 59 -8.92 -22.02 39.68
C ALA K 59 -10.17 -22.63 40.32
N ALA K 60 -10.23 -23.96 40.38
CA ALA K 60 -11.36 -24.63 41.01
C ALA K 60 -11.43 -24.32 42.50
N LEU K 61 -10.28 -24.34 43.19
CA LEU K 61 -10.31 -24.01 44.61
C LEU K 61 -10.60 -22.53 44.84
N LYS K 62 -10.13 -21.65 43.95
CA LYS K 62 -10.46 -20.24 44.08
C LYS K 62 -11.96 -20.00 43.92
N LYS K 63 -12.58 -20.66 42.94
CA LYS K 63 -14.03 -20.54 42.77
C LYS K 63 -14.77 -21.19 43.94
N ALA K 64 -14.18 -22.26 44.52
CA ALA K 64 -14.77 -22.88 45.68
C ALA K 64 -14.78 -21.95 46.89
N LEU K 65 -13.68 -21.22 47.10
CA LEU K 65 -13.64 -20.28 48.23
C LEU K 65 -14.47 -19.05 47.94
N ALA K 66 -14.60 -18.67 46.66
CA ALA K 66 -15.50 -17.59 46.29
C ALA K 66 -16.94 -17.95 46.58
N ALA K 67 -17.32 -19.21 46.30
CA ALA K 67 -18.66 -19.67 46.64
C ALA K 67 -18.83 -19.79 48.15
N ALA K 68 -17.82 -20.29 48.85
CA ALA K 68 -17.90 -20.40 50.31
C ALA K 68 -17.82 -19.05 50.99
N GLY K 69 -17.17 -18.08 50.34
CA GLY K 69 -17.10 -16.73 50.86
C GLY K 69 -15.71 -16.33 51.34
N TYR K 70 -14.98 -15.66 50.46
CA TYR K 70 -13.65 -15.12 50.74
C TYR K 70 -13.26 -14.20 49.60
N ASP K 71 -12.58 -13.10 49.93
CA ASP K 71 -12.14 -12.16 48.91
C ASP K 71 -10.83 -12.69 48.31
N VAL K 72 -10.98 -13.51 47.28
CA VAL K 72 -9.83 -14.20 46.70
C VAL K 72 -9.03 -13.28 45.80
N GLU K 73 -9.58 -12.12 45.44
CA GLU K 73 -8.97 -11.28 44.42
C GLU K 73 -7.69 -10.62 44.92
N LYS K 74 -7.62 -10.27 46.21
CA LYS K 74 -6.44 -9.66 46.78
C LYS K 74 -5.58 -10.64 47.56
N ASN K 75 -6.04 -11.88 47.72
CA ASN K 75 -5.34 -12.85 48.55
C ASN K 75 -4.74 -13.97 47.71
N ASN K 76 -4.44 -13.69 46.43
CA ASN K 76 -3.83 -14.70 45.57
C ASN K 76 -2.46 -15.12 46.09
N SER K 77 -1.66 -14.16 46.53
CA SER K 77 -0.38 -14.47 47.14
C SER K 77 -0.57 -15.22 48.45
N ARG K 78 -1.59 -14.85 49.23
CA ARG K 78 -1.91 -15.56 50.47
C ARG K 78 -2.26 -17.01 50.22
N ILE K 79 -3.10 -17.27 49.21
CA ILE K 79 -3.47 -18.66 48.89
C ILE K 79 -2.28 -19.42 48.35
N LYS K 80 -1.43 -18.77 47.53
CA LYS K 80 -0.24 -19.42 47.01
C LYS K 80 0.72 -19.84 48.12
N LEU K 81 0.99 -18.93 49.06
CA LEU K 81 1.89 -19.26 50.16
C LEU K 81 1.28 -20.31 51.09
N GLY K 82 -0.04 -20.24 51.32
CA GLY K 82 -0.67 -21.23 52.17
C GLY K 82 -0.64 -22.62 51.56
N LEU K 83 -0.95 -22.71 50.27
CA LEU K 83 -0.94 -24.02 49.60
C LEU K 83 0.47 -24.57 49.51
N LYS K 84 1.46 -23.71 49.25
CA LYS K 84 2.84 -24.18 49.16
C LYS K 84 3.36 -24.65 50.51
N SER K 85 3.02 -23.91 51.58
CA SER K 85 3.41 -24.30 52.92
C SER K 85 2.76 -25.63 53.31
N LEU K 86 1.48 -25.79 52.99
CA LEU K 86 0.80 -27.02 53.37
C LEU K 86 1.24 -28.20 52.50
N VAL K 87 1.70 -27.92 51.27
CA VAL K 87 2.38 -28.94 50.47
C VAL K 87 3.67 -29.38 51.14
N SER K 88 4.44 -28.41 51.67
CA SER K 88 5.69 -28.76 52.34
C SER K 88 5.44 -29.57 53.61
N LYS K 89 4.27 -29.41 54.23
CA LYS K 89 3.92 -30.27 55.35
C LYS K 89 3.64 -31.71 54.94
N GLY K 90 3.41 -31.97 53.66
CA GLY K 90 3.03 -33.29 53.21
C GLY K 90 1.54 -33.59 53.33
N THR K 91 0.73 -32.63 53.77
CA THR K 91 -0.69 -32.89 53.93
C THR K 91 -1.38 -32.94 52.57
N LEU K 92 -0.87 -32.19 51.60
CA LEU K 92 -1.35 -32.23 50.23
C LEU K 92 -0.22 -32.66 49.31
N VAL K 93 -0.58 -33.35 48.24
CA VAL K 93 0.35 -33.74 47.19
C VAL K 93 -0.14 -33.15 45.87
N GLN K 94 0.77 -32.52 45.14
CA GLN K 94 0.44 -31.87 43.89
C GLN K 94 0.39 -32.92 42.78
N THR K 95 -0.70 -32.92 42.02
CA THR K 95 -0.95 -34.02 41.11
C THR K 95 -0.09 -33.94 39.86
N LYS K 96 -0.26 -32.88 39.06
CA LYS K 96 0.45 -32.75 37.80
C LYS K 96 1.31 -31.51 37.72
N GLY K 97 0.85 -30.38 38.25
CA GLY K 97 1.55 -29.13 38.11
C GLY K 97 2.76 -29.02 39.03
N THR K 98 3.37 -27.84 38.99
CA THR K 98 4.51 -27.51 39.83
C THR K 98 4.26 -26.20 40.53
N GLY K 99 4.54 -26.18 41.84
CA GLY K 99 4.28 -24.98 42.62
C GLY K 99 2.78 -24.76 42.79
N ALA K 100 2.35 -23.54 42.51
CA ALA K 100 0.95 -23.18 42.69
C ALA K 100 0.08 -23.47 41.48
N SER K 101 0.67 -23.94 40.38
CA SER K 101 -0.11 -24.30 39.21
C SER K 101 -0.42 -25.79 39.21
N GLY K 102 -1.45 -26.17 38.46
CA GLY K 102 -1.79 -27.57 38.31
C GLY K 102 -2.93 -28.01 39.23
N SER K 103 -2.91 -29.30 39.55
CA SER K 103 -3.93 -29.92 40.37
C SER K 103 -3.35 -30.32 41.71
N PHE K 104 -4.23 -30.37 42.72
CA PHE K 104 -3.83 -30.50 44.11
C PHE K 104 -4.75 -31.50 44.81
N LYS K 105 -4.17 -32.50 45.46
CA LYS K 105 -4.95 -33.53 46.13
C LYS K 105 -4.33 -33.92 47.47
N LEU K 106 -5.20 -34.44 48.34
CA LEU K 106 -4.86 -34.69 49.74
C LEU K 106 -3.96 -35.92 49.87
N ASN K 107 -3.36 -36.07 51.05
CA ASN K 107 -2.42 -37.13 51.36
C ASN K 107 -3.11 -38.50 51.36
N LYS K 108 -2.29 -39.53 51.60
CA LYS K 108 -2.80 -40.91 51.66
C LYS K 108 -3.74 -41.10 52.85
N LYS K 109 -3.39 -40.53 54.00
CA LYS K 109 -4.18 -40.69 55.21
C LYS K 109 -4.31 -39.38 55.96
#